data_1L6G
#
_entry.id   1L6G
#
_cell.length_a   99.787
_cell.length_b   90.714
_cell.length_c   85.270
_cell.angle_alpha   90.00
_cell.angle_beta   90.00
_cell.angle_gamma   90.00
#
_symmetry.space_group_name_H-M   'P 21 21 21'
#
loop_
_entity.id
_entity.type
_entity.pdbx_description
1 polymer 'alanine racemase'
2 non-polymer "N-(5'-PHOSPHOPYRIDOXYL)-D-ALANINE"
3 water water
#
_entity_poly.entity_id   1
_entity_poly.type   'polypeptide(L)'
_entity_poly.pdbx_seq_one_letter_code
;MNDFHRDTWAEVDLDAIYDNVENLRRLLPDDTHIMAVVKANAYGHGDVQVARTALEAGASRLAVAFLDEALALREKGIEA
PILVLGASRPADAALAAQQRIALTVFRSDWLEEASALYSGPFPIHFHL(KCX)MDTGMGRLGVKDEEETKRIVALIERHP
HFVLEGLYTHFATADEVNTDYFSYQYTRFLHMLEWLPSRPPLVHCANSAASLRFPDRTFNMVRFGIAMYGLAPSPGIKPL
LPYPLKEAFSLHSRLVHVKKLQPGEKVSYGATYTAQTEEWIGTIPIGYADGWLRRLQHFHVLVDGQKAPIVGRICMDQCM
IRLPGPLPVGTKVTLIGRQGDEVISIDDVARHLETINYEVPCTISYRVPRIFFRHKRIMEVRNAIGRGESSA
;
_entity_poly.pdbx_strand_id   A,B
#
# COMPACT_ATOMS: atom_id res chain seq x y z
N ASN A 2 19.67 8.31 0.19
CA ASN A 2 18.35 8.55 0.83
C ASN A 2 18.43 8.47 2.35
N ASP A 3 17.60 9.25 3.03
CA ASP A 3 17.58 9.27 4.50
C ASP A 3 16.13 9.26 4.95
N PHE A 4 15.89 8.86 6.20
CA PHE A 4 14.52 8.85 6.71
C PHE A 4 14.46 9.30 8.15
N HIS A 5 13.31 9.84 8.56
CA HIS A 5 13.15 10.38 9.91
C HIS A 5 12.11 9.79 10.83
N ARG A 6 11.83 8.51 10.65
CA ARG A 6 10.92 7.80 11.53
C ARG A 6 11.64 6.47 11.78
N ASP A 7 11.57 5.96 13.00
CA ASP A 7 12.27 4.72 13.33
C ASP A 7 11.49 3.46 12.92
N THR A 8 11.18 3.35 11.64
CA THR A 8 10.45 2.21 11.08
C THR A 8 10.99 2.00 9.67
N TRP A 9 11.49 0.80 9.41
CA TRP A 9 12.07 0.49 8.11
C TRP A 9 12.05 -1.01 7.80
N ALA A 10 12.12 -1.32 6.51
CA ALA A 10 12.16 -2.70 6.04
C ALA A 10 13.60 -2.89 5.59
N GLU A 11 14.08 -4.11 5.65
CA GLU A 11 15.44 -4.43 5.23
C GLU A 11 15.35 -5.52 4.19
N VAL A 12 16.01 -5.34 3.05
CA VAL A 12 15.99 -6.34 2.01
C VAL A 12 17.40 -6.91 1.91
N ASP A 13 17.52 -8.23 2.08
CA ASP A 13 18.83 -8.86 2.01
C ASP A 13 19.06 -9.35 0.59
N LEU A 14 19.79 -8.58 -0.19
CA LEU A 14 20.07 -8.93 -1.58
C LEU A 14 20.93 -10.15 -1.75
N ASP A 15 21.60 -10.57 -0.68
CA ASP A 15 22.44 -11.76 -0.75
C ASP A 15 21.50 -12.95 -0.88
N ALA A 16 20.38 -12.88 -0.16
CA ALA A 16 19.39 -13.95 -0.17
C ALA A 16 18.81 -14.05 -1.58
N ILE A 17 18.40 -12.92 -2.12
CA ILE A 17 17.84 -12.87 -3.46
C ILE A 17 18.84 -13.46 -4.44
N TYR A 18 20.11 -13.09 -4.29
CA TYR A 18 21.14 -13.59 -5.18
C TYR A 18 21.28 -15.11 -5.07
N ASP A 19 21.28 -15.62 -3.84
CA ASP A 19 21.40 -17.06 -3.60
C ASP A 19 20.21 -17.84 -4.14
N ASN A 20 19.00 -17.33 -3.93
CA ASN A 20 17.83 -18.03 -4.42
C ASN A 20 17.85 -18.17 -5.95
N VAL A 21 18.33 -17.15 -6.65
CA VAL A 21 18.39 -17.17 -8.11
C VAL A 21 19.56 -18.01 -8.63
N GLU A 22 20.71 -17.90 -7.98
CA GLU A 22 21.85 -18.67 -8.42
C GLU A 22 21.54 -20.17 -8.31
N ASN A 23 20.86 -20.55 -7.22
CA ASN A 23 20.53 -21.95 -7.00
C ASN A 23 19.64 -22.53 -8.09
N LEU A 24 18.78 -21.69 -8.67
CA LEU A 24 17.90 -22.14 -9.75
C LEU A 24 18.72 -22.27 -11.03
N ARG A 25 19.61 -21.32 -11.24
CA ARG A 25 20.46 -21.30 -12.42
C ARG A 25 21.24 -22.61 -12.50
N ARG A 26 21.53 -23.18 -11.33
CA ARG A 26 22.26 -24.43 -11.26
C ARG A 26 21.34 -25.61 -11.56
N LEU A 27 20.13 -25.52 -11.04
CA LEU A 27 19.12 -26.57 -11.21
C LEU A 27 18.57 -26.74 -12.62
N LEU A 28 18.49 -25.64 -13.37
CA LEU A 28 17.96 -25.66 -14.73
C LEU A 28 19.00 -25.97 -15.80
N PRO A 29 18.55 -26.48 -16.96
CA PRO A 29 19.45 -26.80 -18.06
C PRO A 29 20.11 -25.50 -18.50
N ASP A 30 21.39 -25.59 -18.86
CA ASP A 30 22.15 -24.41 -19.27
C ASP A 30 21.49 -23.65 -20.41
N ASP A 31 20.69 -24.34 -21.21
CA ASP A 31 20.01 -23.72 -22.35
C ASP A 31 18.72 -22.99 -21.97
N THR A 32 18.34 -23.09 -20.70
CA THR A 32 17.12 -22.47 -20.19
C THR A 32 17.33 -21.11 -19.55
N HIS A 33 16.59 -20.12 -20.04
CA HIS A 33 16.69 -18.75 -19.56
C HIS A 33 15.86 -18.54 -18.31
N ILE A 34 16.29 -17.59 -17.50
CA ILE A 34 15.57 -17.25 -16.29
C ILE A 34 15.12 -15.80 -16.43
N MET A 35 13.82 -15.57 -16.38
CA MET A 35 13.29 -14.22 -16.47
C MET A 35 12.79 -13.90 -15.08
N ALA A 36 13.42 -12.93 -14.43
CA ALA A 36 13.05 -12.52 -13.07
C ALA A 36 11.80 -11.65 -13.10
N VAL A 37 10.80 -12.02 -12.30
CA VAL A 37 9.56 -11.25 -12.24
C VAL A 37 9.68 -10.21 -11.14
N VAL A 38 9.76 -8.95 -11.55
CA VAL A 38 9.92 -7.85 -10.62
C VAL A 38 8.80 -6.81 -10.64
N LYS A 39 7.59 -7.25 -10.97
CA LYS A 39 6.45 -6.36 -10.98
C LYS A 39 6.12 -5.97 -9.54
N ALA A 40 5.20 -5.02 -9.37
CA ALA A 40 4.81 -4.54 -8.06
C ALA A 40 6.04 -4.12 -7.24
N ASN A 41 6.95 -3.39 -7.87
CA ASN A 41 8.17 -2.94 -7.21
C ASN A 41 8.87 -4.16 -6.62
N ALA A 42 9.06 -5.17 -7.45
CA ALA A 42 9.70 -6.42 -7.04
C ALA A 42 9.00 -7.03 -5.82
N TYR A 43 7.70 -7.27 -5.93
CA TYR A 43 6.92 -7.82 -4.83
C TYR A 43 7.23 -7.07 -3.55
N GLY A 44 7.32 -5.75 -3.67
CA GLY A 44 7.58 -4.89 -2.53
C GLY A 44 9.01 -4.83 -2.02
N HIS A 45 9.95 -5.38 -2.77
CA HIS A 45 11.36 -5.42 -2.36
C HIS A 45 12.28 -4.35 -2.98
N GLY A 46 11.80 -3.61 -3.97
CA GLY A 46 12.62 -2.61 -4.62
C GLY A 46 12.92 -3.09 -6.03
N ASP A 47 12.20 -2.56 -7.02
CA ASP A 47 12.35 -3.00 -8.40
C ASP A 47 13.74 -3.06 -9.00
N VAL A 48 14.44 -1.94 -8.99
CA VAL A 48 15.77 -1.89 -9.58
C VAL A 48 16.85 -2.63 -8.78
N GLN A 49 16.74 -2.61 -7.46
CA GLN A 49 17.72 -3.29 -6.62
C GLN A 49 17.66 -4.80 -6.82
N VAL A 50 16.45 -5.35 -6.94
CA VAL A 50 16.31 -6.79 -7.11
C VAL A 50 16.66 -7.19 -8.54
N ALA A 51 16.27 -6.36 -9.49
CA ALA A 51 16.54 -6.63 -10.89
C ALA A 51 18.04 -6.73 -11.16
N ARG A 52 18.79 -5.81 -10.59
CA ARG A 52 20.24 -5.83 -10.80
C ARG A 52 20.87 -7.07 -10.19
N THR A 53 20.40 -7.46 -9.00
CA THR A 53 20.92 -8.64 -8.32
C THR A 53 20.57 -9.93 -9.07
N ALA A 54 19.33 -10.02 -9.52
CA ALA A 54 18.86 -11.19 -10.27
C ALA A 54 19.68 -11.37 -11.54
N LEU A 55 19.93 -10.27 -12.24
CA LEU A 55 20.71 -10.32 -13.48
C LEU A 55 22.12 -10.75 -13.13
N GLU A 56 22.60 -10.31 -11.98
CA GLU A 56 23.94 -10.66 -11.51
C GLU A 56 24.03 -12.14 -11.21
N ALA A 57 22.96 -12.69 -10.64
CA ALA A 57 22.90 -14.09 -10.26
C ALA A 57 22.62 -15.09 -11.38
N GLY A 58 22.15 -14.62 -12.52
CA GLY A 58 21.89 -15.57 -13.60
C GLY A 58 20.71 -15.27 -14.48
N ALA A 59 19.83 -14.38 -14.03
CA ALA A 59 18.68 -14.02 -14.85
C ALA A 59 19.19 -13.30 -16.10
N SER A 60 18.44 -13.40 -17.18
CA SER A 60 18.84 -12.73 -18.41
C SER A 60 17.76 -11.77 -18.88
N ARG A 61 16.55 -11.91 -18.34
CA ARG A 61 15.46 -11.03 -18.72
C ARG A 61 14.62 -10.69 -17.51
N LEU A 62 13.73 -9.72 -17.65
CA LEU A 62 12.85 -9.29 -16.55
C LEU A 62 11.40 -9.21 -16.99
N ALA A 63 10.48 -9.31 -16.04
CA ALA A 63 9.04 -9.23 -16.33
C ALA A 63 8.37 -8.28 -15.37
N VAL A 64 7.46 -7.44 -15.88
CA VAL A 64 6.70 -6.50 -15.05
C VAL A 64 5.21 -6.66 -15.41
N ALA A 65 4.32 -6.05 -14.61
CA ALA A 65 2.88 -6.17 -14.84
C ALA A 65 2.32 -5.30 -15.96
N PHE A 66 2.76 -4.04 -16.01
CA PHE A 66 2.28 -3.14 -17.04
C PHE A 66 3.37 -2.17 -17.46
N LEU A 67 3.16 -1.50 -18.59
CA LEU A 67 4.13 -0.57 -19.17
C LEU A 67 4.85 0.41 -18.23
N ASP A 68 4.10 1.12 -17.40
CA ASP A 68 4.70 2.07 -16.48
C ASP A 68 5.84 1.46 -15.69
N GLU A 69 5.68 0.19 -15.32
CA GLU A 69 6.71 -0.47 -14.53
C GLU A 69 7.96 -0.75 -15.33
N ALA A 70 7.81 -0.97 -16.62
CA ALA A 70 8.96 -1.22 -17.49
C ALA A 70 9.72 0.07 -17.71
N LEU A 71 8.97 1.14 -17.95
CA LEU A 71 9.56 2.46 -18.20
C LEU A 71 10.43 2.91 -17.03
N ALA A 72 9.94 2.74 -15.81
CA ALA A 72 10.67 3.12 -14.62
C ALA A 72 11.99 2.38 -14.52
N LEU A 73 11.98 1.10 -14.86
CA LEU A 73 13.18 0.28 -14.81
C LEU A 73 14.17 0.82 -15.82
N ARG A 74 13.62 1.30 -16.95
CA ARG A 74 14.44 1.88 -18.02
C ARG A 74 15.07 3.18 -17.53
N GLU A 75 14.25 4.04 -16.93
CA GLU A 75 14.73 5.31 -16.43
C GLU A 75 15.80 5.11 -15.38
N LYS A 76 15.60 4.10 -14.54
CA LYS A 76 16.54 3.81 -13.47
C LYS A 76 17.82 3.16 -13.97
N GLY A 77 17.92 2.99 -15.29
CA GLY A 77 19.14 2.42 -15.85
C GLY A 77 19.20 0.95 -16.20
N ILE A 78 18.06 0.27 -16.25
CA ILE A 78 18.08 -1.14 -16.60
C ILE A 78 18.04 -1.27 -18.11
N GLU A 79 18.98 -2.04 -18.66
CA GLU A 79 19.08 -2.24 -20.09
C GLU A 79 18.65 -3.62 -20.55
N ALA A 80 18.52 -4.55 -19.60
CA ALA A 80 18.13 -5.91 -19.91
C ALA A 80 16.74 -5.96 -20.54
N PRO A 81 16.44 -7.01 -21.32
CA PRO A 81 15.13 -7.13 -21.97
C PRO A 81 14.01 -7.20 -20.93
N ILE A 82 12.90 -6.53 -21.20
CA ILE A 82 11.77 -6.51 -20.29
C ILE A 82 10.49 -6.94 -21.01
N LEU A 83 9.69 -7.75 -20.34
CA LEU A 83 8.43 -8.18 -20.93
C LEU A 83 7.30 -7.69 -20.03
N VAL A 84 6.29 -7.09 -20.63
CA VAL A 84 5.14 -6.62 -19.90
C VAL A 84 4.17 -7.81 -19.98
N LEU A 85 3.85 -8.39 -18.82
CA LEU A 85 2.96 -9.55 -18.75
C LEU A 85 1.46 -9.26 -18.92
N GLY A 86 1.03 -8.05 -18.59
CA GLY A 86 -0.37 -7.73 -18.70
C GLY A 86 -0.79 -7.01 -19.96
N ALA A 87 -1.92 -6.30 -19.89
CA ALA A 87 -2.44 -5.56 -21.03
C ALA A 87 -1.74 -4.22 -21.19
N SER A 88 -1.81 -3.69 -22.41
CA SER A 88 -1.22 -2.40 -22.75
C SER A 88 -2.09 -1.78 -23.85
N ARG A 89 -1.95 -0.48 -24.06
CA ARG A 89 -2.73 0.21 -25.10
C ARG A 89 -2.01 0.14 -26.44
N PRO A 90 -2.77 -0.08 -27.53
CA PRO A 90 -2.18 -0.15 -28.87
C PRO A 90 -1.41 1.14 -29.21
N ALA A 91 -1.89 2.26 -28.68
CA ALA A 91 -1.27 3.55 -28.92
C ALA A 91 0.10 3.65 -28.25
N ASP A 92 0.41 2.74 -27.33
CA ASP A 92 1.69 2.77 -26.64
C ASP A 92 2.71 1.83 -27.28
N ALA A 93 2.35 1.21 -28.40
CA ALA A 93 3.25 0.27 -29.09
C ALA A 93 4.58 0.90 -29.47
N ALA A 94 4.52 2.11 -30.04
CA ALA A 94 5.70 2.86 -30.46
C ALA A 94 6.62 3.19 -29.29
N LEU A 95 6.02 3.59 -28.17
CA LEU A 95 6.79 3.90 -26.97
C LEU A 95 7.52 2.63 -26.51
N ALA A 96 6.81 1.50 -26.52
CA ALA A 96 7.39 0.22 -26.11
C ALA A 96 8.51 -0.18 -27.06
N ALA A 97 8.24 -0.09 -28.36
CA ALA A 97 9.22 -0.43 -29.38
C ALA A 97 10.46 0.44 -29.24
N GLN A 98 10.24 1.71 -28.93
CA GLN A 98 11.34 2.65 -28.78
C GLN A 98 12.21 2.29 -27.57
N GLN A 99 11.57 1.87 -26.49
CA GLN A 99 12.28 1.51 -25.26
C GLN A 99 12.72 0.04 -25.15
N ARG A 100 12.57 -0.71 -26.23
CA ARG A 100 12.96 -2.13 -26.25
C ARG A 100 12.25 -2.93 -25.16
N ILE A 101 10.93 -2.82 -25.12
CA ILE A 101 10.11 -3.52 -24.15
C ILE A 101 9.19 -4.48 -24.91
N ALA A 102 9.22 -5.76 -24.54
CA ALA A 102 8.40 -6.75 -25.21
C ALA A 102 6.98 -6.70 -24.64
N LEU A 103 5.99 -6.93 -25.50
CA LEU A 103 4.60 -6.91 -25.07
C LEU A 103 3.84 -8.25 -25.22
N THR A 104 2.90 -8.49 -24.32
CA THR A 104 2.06 -9.69 -24.36
C THR A 104 0.87 -9.36 -25.26
N VAL A 105 0.49 -10.29 -26.13
CA VAL A 105 -0.64 -10.07 -27.02
C VAL A 105 -1.57 -11.29 -26.99
N PHE A 106 -2.88 -11.05 -26.93
CA PHE A 106 -3.85 -12.16 -26.87
C PHE A 106 -5.16 -11.87 -27.61
N ARG A 107 -5.20 -10.77 -28.35
CA ARG A 107 -6.38 -10.38 -29.13
C ARG A 107 -5.95 -9.92 -30.51
N SER A 108 -6.65 -10.38 -31.52
CA SER A 108 -6.30 -9.98 -32.87
C SER A 108 -6.72 -8.53 -33.10
N ASP A 109 -7.81 -8.10 -32.47
CA ASP A 109 -8.26 -6.72 -32.68
C ASP A 109 -7.30 -5.68 -32.10
N TRP A 110 -6.45 -6.09 -31.18
CA TRP A 110 -5.48 -5.19 -30.58
C TRP A 110 -4.42 -4.92 -31.64
N LEU A 111 -4.03 -5.98 -32.35
CA LEU A 111 -3.01 -5.89 -33.38
C LEU A 111 -3.49 -5.09 -34.57
N GLU A 112 -4.77 -5.19 -34.88
CA GLU A 112 -5.33 -4.43 -35.99
C GLU A 112 -5.04 -2.98 -35.67
N GLU A 113 -5.38 -2.57 -34.46
CA GLU A 113 -5.18 -1.19 -34.00
C GLU A 113 -3.72 -0.72 -34.01
N ALA A 114 -2.83 -1.51 -33.42
CA ALA A 114 -1.42 -1.14 -33.38
C ALA A 114 -0.85 -1.04 -34.80
N SER A 115 -1.30 -1.91 -35.68
CA SER A 115 -0.81 -1.88 -37.04
C SER A 115 -1.05 -0.50 -37.64
N ALA A 116 -2.30 -0.08 -37.61
CA ALA A 116 -2.71 1.20 -38.16
C ALA A 116 -1.99 2.41 -37.52
N LEU A 117 -1.49 2.23 -36.30
CA LEU A 117 -0.82 3.34 -35.61
C LEU A 117 0.70 3.30 -35.63
N TYR A 118 1.27 2.14 -35.93
CA TYR A 118 2.73 2.01 -35.94
C TYR A 118 3.30 1.61 -37.30
N SER A 119 4.33 2.34 -37.74
CA SER A 119 4.94 2.09 -39.04
C SER A 119 6.40 1.71 -38.98
N GLY A 120 7.05 1.97 -37.86
CA GLY A 120 8.46 1.67 -37.73
C GLY A 120 9.18 2.87 -37.18
N PRO A 121 10.51 2.91 -37.23
CA PRO A 121 11.40 1.89 -37.76
C PRO A 121 11.77 0.79 -36.78
N PHE A 122 11.50 1.03 -35.50
CA PHE A 122 11.82 0.06 -34.47
C PHE A 122 10.87 -1.14 -34.48
N PRO A 123 11.41 -2.34 -34.26
CA PRO A 123 10.57 -3.54 -34.25
C PRO A 123 9.97 -3.77 -32.87
N ILE A 124 8.75 -4.30 -32.84
CA ILE A 124 8.07 -4.59 -31.58
C ILE A 124 8.10 -6.11 -31.39
N HIS A 125 8.60 -6.55 -30.24
CA HIS A 125 8.66 -7.98 -29.95
C HIS A 125 7.45 -8.36 -29.13
N PHE A 126 6.65 -9.27 -29.66
CA PHE A 126 5.44 -9.72 -29.00
C PHE A 126 5.56 -11.14 -28.44
N HIS A 127 4.84 -11.39 -27.36
CA HIS A 127 4.81 -12.71 -26.76
C HIS A 127 3.33 -13.05 -26.74
N LEU A 128 2.97 -14.13 -27.43
CA LEU A 128 1.58 -14.56 -27.51
C LEU A 128 1.15 -15.32 -26.25
N KCX A 129 0.13 -14.79 -25.59
CA KCX A 129 -0.40 -15.41 -24.38
CB KCX A 129 -0.98 -14.34 -23.45
CG KCX A 129 -1.48 -14.91 -22.11
CD KCX A 129 -0.31 -15.36 -21.26
CE KCX A 129 -0.76 -16.12 -20.01
NZ KCX A 129 -2.04 -15.63 -19.41
C KCX A 129 -1.49 -16.37 -24.76
O KCX A 129 -2.41 -16.03 -25.52
CX KCX A 129 -2.19 -15.23 -18.15
OQ1 KCX A 129 -1.21 -14.89 -17.45
OQ2 KCX A 129 -3.32 -15.18 -17.62
N MET A 130 -1.38 -17.60 -24.25
CA MET A 130 -2.36 -18.65 -24.53
C MET A 130 -3.02 -19.04 -23.22
N ASP A 131 -4.34 -19.08 -23.21
CA ASP A 131 -5.07 -19.46 -22.00
C ASP A 131 -5.27 -20.98 -22.04
N THR A 132 -4.69 -21.66 -21.07
CA THR A 132 -4.80 -23.12 -20.99
C THR A 132 -5.61 -23.61 -19.79
N GLY A 133 -6.21 -22.69 -19.05
CA GLY A 133 -7.01 -23.07 -17.91
C GLY A 133 -7.00 -22.07 -16.78
N MET A 134 -6.25 -20.98 -16.92
CA MET A 134 -6.20 -19.97 -15.86
C MET A 134 -7.40 -19.03 -15.95
N GLY A 135 -7.88 -18.81 -17.17
CA GLY A 135 -9.04 -17.95 -17.37
C GLY A 135 -8.81 -16.46 -17.24
N ARG A 136 -7.54 -16.05 -17.17
CA ARG A 136 -7.16 -14.64 -17.02
C ARG A 136 -6.97 -13.96 -18.39
N LEU A 137 -5.82 -14.18 -19.01
CA LEU A 137 -5.56 -13.62 -20.33
C LEU A 137 -5.16 -14.74 -21.25
N GLY A 138 -5.15 -14.46 -22.55
CA GLY A 138 -4.73 -15.44 -23.54
C GLY A 138 -5.76 -15.88 -24.56
N VAL A 139 -5.27 -16.33 -25.70
CA VAL A 139 -6.13 -16.83 -26.76
C VAL A 139 -6.66 -18.20 -26.33
N LYS A 140 -7.83 -18.58 -26.83
CA LYS A 140 -8.44 -19.86 -26.48
C LYS A 140 -8.66 -20.76 -27.69
N ASP A 141 -8.79 -20.16 -28.87
CA ASP A 141 -9.04 -20.95 -30.07
C ASP A 141 -8.05 -20.75 -31.20
N GLU A 142 -8.03 -21.69 -32.12
CA GLU A 142 -7.12 -21.68 -33.26
C GLU A 142 -7.36 -20.58 -34.28
N GLU A 143 -8.62 -20.24 -34.51
CA GLU A 143 -8.98 -19.20 -35.47
C GLU A 143 -8.39 -17.87 -35.04
N GLU A 144 -8.58 -17.53 -33.78
CA GLU A 144 -8.03 -16.29 -33.24
C GLU A 144 -6.51 -16.34 -33.24
N THR A 145 -5.97 -17.52 -32.91
CA THR A 145 -4.53 -17.72 -32.88
C THR A 145 -3.90 -17.49 -34.27
N LYS A 146 -4.41 -18.21 -35.27
CA LYS A 146 -3.90 -18.07 -36.63
C LYS A 146 -3.99 -16.63 -37.13
N ARG A 147 -5.06 -15.95 -36.74
CA ARG A 147 -5.29 -14.56 -37.13
C ARG A 147 -4.20 -13.63 -36.60
N ILE A 148 -3.84 -13.82 -35.34
CA ILE A 148 -2.79 -13.03 -34.69
C ILE A 148 -1.43 -13.25 -35.36
N VAL A 149 -1.12 -14.50 -35.64
CA VAL A 149 0.15 -14.85 -36.29
C VAL A 149 0.27 -14.14 -37.64
N ALA A 150 -0.82 -14.14 -38.40
CA ALA A 150 -0.85 -13.51 -39.72
C ALA A 150 -0.58 -12.02 -39.62
N LEU A 151 -1.35 -11.34 -38.78
CA LEU A 151 -1.17 -9.91 -38.59
C LEU A 151 0.28 -9.59 -38.27
N ILE A 152 0.84 -10.34 -37.33
CA ILE A 152 2.22 -10.14 -36.93
C ILE A 152 3.13 -10.34 -38.14
N GLU A 153 2.87 -11.41 -38.88
CA GLU A 153 3.66 -11.73 -40.06
C GLU A 153 3.60 -10.62 -41.10
N ARG A 154 2.40 -10.10 -41.33
CA ARG A 154 2.19 -9.05 -42.31
C ARG A 154 3.01 -7.80 -42.06
N HIS A 155 2.97 -7.28 -40.84
CA HIS A 155 3.71 -6.08 -40.49
C HIS A 155 5.20 -6.34 -40.41
N PRO A 156 6.00 -5.50 -41.06
CA PRO A 156 7.46 -5.63 -41.09
C PRO A 156 8.14 -5.34 -39.76
N HIS A 157 7.46 -4.62 -38.88
CA HIS A 157 8.07 -4.27 -37.59
C HIS A 157 7.49 -5.02 -36.41
N PHE A 158 6.62 -5.98 -36.70
CA PHE A 158 6.02 -6.80 -35.66
C PHE A 158 6.76 -8.13 -35.64
N VAL A 159 7.26 -8.51 -34.47
CA VAL A 159 7.98 -9.78 -34.33
C VAL A 159 7.38 -10.64 -33.23
N LEU A 160 7.13 -11.91 -33.56
CA LEU A 160 6.60 -12.84 -32.56
C LEU A 160 7.82 -13.49 -31.92
N GLU A 161 8.25 -12.93 -30.79
CA GLU A 161 9.43 -13.44 -30.10
C GLU A 161 9.18 -14.66 -29.22
N GLY A 162 7.95 -14.79 -28.73
CA GLY A 162 7.67 -15.93 -27.88
C GLY A 162 6.21 -16.17 -27.67
N LEU A 163 5.89 -17.26 -27.00
CA LEU A 163 4.51 -17.57 -26.71
C LEU A 163 4.51 -18.32 -25.40
N TYR A 164 3.52 -18.05 -24.58
CA TYR A 164 3.47 -18.71 -23.29
C TYR A 164 2.10 -18.87 -22.69
N THR A 165 2.09 -19.53 -21.54
CA THR A 165 0.88 -19.77 -20.79
C THR A 165 1.24 -19.60 -19.31
N HIS A 166 0.25 -19.71 -18.44
CA HIS A 166 0.47 -19.58 -17.02
C HIS A 166 -0.41 -20.60 -16.33
N PHE A 167 0.14 -21.25 -15.30
CA PHE A 167 -0.59 -22.28 -14.56
C PHE A 167 -1.33 -21.73 -13.36
N ALA A 168 -2.51 -22.32 -13.10
CA ALA A 168 -3.34 -21.89 -11.98
C ALA A 168 -3.17 -22.72 -10.73
N THR A 169 -2.63 -23.94 -10.87
CA THR A 169 -2.47 -24.85 -9.74
C THR A 169 -1.12 -25.59 -9.67
N ALA A 170 -0.04 -24.94 -10.10
CA ALA A 170 1.28 -25.58 -10.07
C ALA A 170 1.82 -25.71 -8.65
N ASP A 171 1.18 -25.04 -7.70
CA ASP A 171 1.63 -25.08 -6.32
C ASP A 171 0.78 -26.06 -5.49
N GLU A 172 -0.02 -26.85 -6.16
CA GLU A 172 -0.87 -27.83 -5.50
C GLU A 172 -0.16 -29.17 -5.61
N VAL A 173 -0.18 -29.95 -4.54
CA VAL A 173 0.49 -31.26 -4.55
C VAL A 173 -0.10 -32.14 -5.65
N ASN A 174 -1.41 -32.20 -5.72
CA ASN A 174 -2.09 -32.99 -6.74
C ASN A 174 -1.87 -32.28 -8.07
N THR A 175 -1.29 -32.98 -9.04
CA THR A 175 -1.00 -32.39 -10.34
C THR A 175 -2.00 -32.69 -11.44
N ASP A 176 -3.26 -32.93 -11.08
CA ASP A 176 -4.29 -33.23 -12.06
C ASP A 176 -4.57 -32.06 -13.00
N TYR A 177 -4.96 -30.91 -12.45
CA TYR A 177 -5.24 -29.76 -13.28
C TYR A 177 -4.00 -29.27 -14.00
N PHE A 178 -2.86 -29.33 -13.31
CA PHE A 178 -1.60 -28.90 -13.90
C PHE A 178 -1.25 -29.69 -15.16
N SER A 179 -1.53 -30.99 -15.13
CA SER A 179 -1.24 -31.86 -16.28
C SER A 179 -2.14 -31.53 -17.46
N TYR A 180 -3.41 -31.27 -17.16
CA TYR A 180 -4.39 -30.91 -18.17
C TYR A 180 -3.88 -29.67 -18.90
N GLN A 181 -3.53 -28.64 -18.11
CA GLN A 181 -3.02 -27.38 -18.64
C GLN A 181 -1.77 -27.59 -19.47
N TYR A 182 -0.83 -28.37 -18.94
CA TYR A 182 0.42 -28.63 -19.64
C TYR A 182 0.14 -29.34 -20.95
N THR A 183 -0.83 -30.23 -20.93
CA THR A 183 -1.20 -30.99 -22.13
C THR A 183 -1.90 -30.07 -23.12
N ARG A 184 -2.76 -29.19 -22.61
CA ARG A 184 -3.48 -28.24 -23.45
C ARG A 184 -2.46 -27.36 -24.20
N PHE A 185 -1.42 -26.95 -23.49
CA PHE A 185 -0.37 -26.10 -24.05
C PHE A 185 0.30 -26.73 -25.25
N LEU A 186 0.78 -27.96 -25.09
CA LEU A 186 1.45 -28.68 -26.18
C LEU A 186 0.52 -28.80 -27.38
N HIS A 187 -0.77 -28.90 -27.11
CA HIS A 187 -1.77 -29.02 -28.17
C HIS A 187 -1.93 -27.71 -28.92
N MET A 188 -2.02 -26.62 -28.18
CA MET A 188 -2.18 -25.31 -28.79
C MET A 188 -0.92 -24.85 -29.52
N LEU A 189 0.24 -25.24 -29.00
CA LEU A 189 1.49 -24.84 -29.65
C LEU A 189 1.50 -25.32 -31.09
N GLU A 190 0.77 -26.41 -31.35
CA GLU A 190 0.69 -26.99 -32.68
C GLU A 190 0.00 -26.04 -33.65
N TRP A 191 -0.79 -25.13 -33.10
CA TRP A 191 -1.51 -24.16 -33.92
C TRP A 191 -0.58 -23.15 -34.57
N LEU A 192 0.64 -23.04 -34.03
CA LEU A 192 1.59 -22.08 -34.57
C LEU A 192 2.30 -22.67 -35.78
N PRO A 193 2.40 -21.89 -36.87
CA PRO A 193 3.06 -22.33 -38.10
C PRO A 193 4.50 -22.71 -37.82
N SER A 194 5.13 -21.99 -36.91
CA SER A 194 6.51 -22.25 -36.51
C SER A 194 6.69 -21.83 -35.06
N ARG A 195 7.55 -22.57 -34.34
CA ARG A 195 7.79 -22.28 -32.94
C ARG A 195 8.64 -21.03 -32.72
N PRO A 196 8.12 -20.07 -31.93
CA PRO A 196 8.87 -18.84 -31.66
C PRO A 196 10.14 -19.24 -30.90
N PRO A 197 11.18 -18.41 -30.95
CA PRO A 197 12.41 -18.74 -30.24
C PRO A 197 12.26 -18.88 -28.74
N LEU A 198 11.21 -18.28 -28.18
CA LEU A 198 11.01 -18.35 -26.73
C LEU A 198 9.68 -18.94 -26.30
N VAL A 199 9.71 -20.19 -25.83
CA VAL A 199 8.50 -20.85 -25.33
C VAL A 199 8.64 -20.93 -23.80
N HIS A 200 7.63 -20.45 -23.08
CA HIS A 200 7.70 -20.50 -21.63
C HIS A 200 6.32 -20.74 -21.00
N CYS A 201 6.32 -21.23 -19.76
CA CYS A 201 5.06 -21.52 -19.08
C CYS A 201 5.23 -21.64 -17.57
N ALA A 202 6.43 -22.02 -17.15
CA ALA A 202 6.68 -22.23 -15.74
C ALA A 202 6.90 -21.00 -14.88
N ASN A 203 6.32 -21.02 -13.68
CA ASN A 203 6.47 -19.96 -12.70
C ASN A 203 7.39 -20.57 -11.64
N SER A 204 7.45 -20.00 -10.44
CA SER A 204 8.31 -20.55 -9.40
C SER A 204 8.03 -22.03 -9.11
N ALA A 205 6.81 -22.31 -8.67
CA ALA A 205 6.39 -23.67 -8.32
C ALA A 205 6.65 -24.69 -9.41
N ALA A 206 6.19 -24.39 -10.62
CA ALA A 206 6.38 -25.30 -11.75
C ALA A 206 7.84 -25.54 -12.12
N SER A 207 8.65 -24.48 -12.11
CA SER A 207 10.06 -24.63 -12.49
C SER A 207 10.91 -25.35 -11.44
N LEU A 208 10.52 -25.23 -10.18
CA LEU A 208 11.27 -25.88 -9.11
C LEU A 208 10.88 -27.35 -9.00
N ARG A 209 9.64 -27.68 -9.34
CA ARG A 209 9.15 -29.05 -9.26
C ARG A 209 9.46 -29.87 -10.51
N PHE A 210 9.26 -29.29 -11.68
CA PHE A 210 9.51 -29.98 -12.94
C PHE A 210 10.39 -29.12 -13.86
N PRO A 211 11.66 -28.92 -13.47
CA PRO A 211 12.61 -28.13 -14.25
C PRO A 211 12.84 -28.72 -15.63
N ASP A 212 12.43 -29.98 -15.81
CA ASP A 212 12.60 -30.67 -17.09
C ASP A 212 11.47 -30.35 -18.05
N ARG A 213 10.44 -29.66 -17.58
CA ARG A 213 9.30 -29.30 -18.42
C ARG A 213 9.13 -27.79 -18.55
N THR A 214 10.25 -27.06 -18.55
CA THR A 214 10.23 -25.60 -18.62
C THR A 214 10.40 -24.95 -19.99
N PHE A 215 10.87 -25.72 -20.97
CA PHE A 215 11.11 -25.21 -22.32
C PHE A 215 12.34 -24.30 -22.35
N ASN A 216 12.25 -23.14 -23.01
CA ASN A 216 13.42 -22.22 -23.10
C ASN A 216 13.55 -21.14 -22.04
N MET A 217 12.51 -20.89 -21.27
CA MET A 217 12.57 -19.85 -20.26
C MET A 217 11.52 -20.01 -19.16
N VAL A 218 11.92 -19.67 -17.93
CA VAL A 218 11.01 -19.74 -16.80
C VAL A 218 10.86 -18.33 -16.22
N ARG A 219 9.68 -18.05 -15.66
CA ARG A 219 9.40 -16.76 -15.06
C ARG A 219 9.42 -16.98 -13.56
N PHE A 220 10.56 -16.65 -12.97
CA PHE A 220 10.82 -16.82 -11.54
C PHE A 220 10.35 -15.64 -10.70
N GLY A 221 9.34 -15.86 -9.87
CA GLY A 221 8.83 -14.79 -9.04
C GLY A 221 9.01 -14.97 -7.53
N ILE A 222 7.94 -15.39 -6.86
CA ILE A 222 7.92 -15.58 -5.41
C ILE A 222 9.10 -16.30 -4.78
N ALA A 223 9.59 -17.35 -5.43
CA ALA A 223 10.72 -18.09 -4.88
C ALA A 223 12.01 -17.28 -4.88
N MET A 224 12.07 -16.28 -5.76
CA MET A 224 13.26 -15.43 -5.85
C MET A 224 13.41 -14.64 -4.56
N TYR A 225 12.28 -14.33 -3.93
CA TYR A 225 12.28 -13.55 -2.70
C TYR A 225 12.41 -14.41 -1.46
N GLY A 226 12.62 -15.71 -1.66
CA GLY A 226 12.77 -16.65 -0.56
C GLY A 226 11.49 -17.11 0.09
N LEU A 227 10.39 -17.03 -0.64
CA LEU A 227 9.10 -17.43 -0.11
C LEU A 227 8.56 -18.63 -0.90
N ALA A 228 7.98 -19.60 -0.20
CA ALA A 228 7.44 -20.78 -0.86
C ALA A 228 6.13 -20.51 -1.59
N PRO A 229 6.01 -20.98 -2.83
CA PRO A 229 4.77 -20.75 -3.58
C PRO A 229 3.51 -21.12 -2.79
N SER A 230 3.66 -22.11 -1.93
CA SER A 230 2.58 -22.57 -1.07
C SER A 230 3.17 -23.48 0.00
N PRO A 231 2.48 -23.62 1.15
CA PRO A 231 2.99 -24.49 2.22
C PRO A 231 2.97 -25.96 1.82
N GLY A 232 2.04 -26.30 0.93
CA GLY A 232 1.92 -27.67 0.48
C GLY A 232 3.14 -28.20 -0.25
N ILE A 233 3.78 -27.35 -1.05
CA ILE A 233 4.95 -27.81 -1.78
C ILE A 233 6.25 -27.52 -1.03
N LYS A 234 6.13 -26.91 0.14
CA LYS A 234 7.30 -26.59 0.94
C LYS A 234 8.25 -27.78 1.02
N PRO A 235 7.73 -28.95 1.42
CA PRO A 235 8.55 -30.17 1.55
C PRO A 235 9.05 -30.79 0.23
N LEU A 236 8.66 -30.20 -0.89
CA LEU A 236 9.07 -30.72 -2.19
C LEU A 236 10.06 -29.82 -2.93
N LEU A 237 10.43 -28.70 -2.32
CA LEU A 237 11.36 -27.75 -2.93
C LEU A 237 12.77 -28.33 -2.99
N PRO A 238 13.44 -28.24 -4.15
CA PRO A 238 14.80 -28.75 -4.35
C PRO A 238 15.90 -28.16 -3.46
N TYR A 239 15.76 -26.90 -3.06
CA TYR A 239 16.75 -26.29 -2.20
C TYR A 239 16.10 -25.32 -1.22
N PRO A 240 16.74 -25.10 -0.06
CA PRO A 240 16.19 -24.18 0.94
C PRO A 240 16.16 -22.74 0.43
N LEU A 241 15.01 -22.09 0.57
CA LEU A 241 14.86 -20.71 0.13
C LEU A 241 15.30 -19.76 1.24
N LYS A 242 15.94 -18.66 0.88
CA LYS A 242 16.36 -17.71 1.90
C LYS A 242 15.48 -16.47 1.90
N GLU A 243 14.69 -16.31 2.96
CA GLU A 243 13.78 -15.17 3.09
C GLU A 243 14.63 -13.89 3.05
N ALA A 244 14.21 -12.94 2.21
CA ALA A 244 14.96 -11.69 2.06
C ALA A 244 14.38 -10.47 2.78
N PHE A 245 13.09 -10.51 3.07
CA PHE A 245 12.38 -9.39 3.70
C PHE A 245 12.21 -9.46 5.21
N SER A 246 12.49 -8.34 5.89
CA SER A 246 12.32 -8.23 7.34
C SER A 246 11.85 -6.80 7.61
N LEU A 247 11.09 -6.63 8.69
CA LEU A 247 10.50 -5.33 9.04
C LEU A 247 10.73 -4.97 10.50
N HIS A 248 11.22 -3.76 10.74
CA HIS A 248 11.51 -3.33 12.10
C HIS A 248 11.07 -1.93 12.44
N SER A 249 11.03 -1.65 13.74
CA SER A 249 10.65 -0.34 14.27
C SER A 249 11.37 -0.18 15.62
N ARG A 250 11.02 0.86 16.36
CA ARG A 250 11.63 1.13 17.66
C ARG A 250 10.61 1.71 18.60
N LEU A 251 10.80 1.51 19.90
CA LEU A 251 9.90 2.05 20.90
C LEU A 251 10.07 3.57 20.95
N VAL A 252 8.98 4.33 20.87
CA VAL A 252 9.06 5.79 20.93
C VAL A 252 8.44 6.29 22.21
N HIS A 253 7.79 5.38 22.93
CA HIS A 253 7.19 5.71 24.21
C HIS A 253 7.07 4.44 25.05
N VAL A 254 7.24 4.60 26.35
CA VAL A 254 7.15 3.48 27.29
C VAL A 254 6.51 4.02 28.53
N LYS A 255 5.48 3.35 29.03
CA LYS A 255 4.81 3.79 30.23
C LYS A 255 4.23 2.61 31.00
N LYS A 256 3.83 2.86 32.24
CA LYS A 256 3.22 1.81 33.06
C LYS A 256 1.74 2.09 33.28
N LEU A 257 0.89 1.14 32.90
CA LEU A 257 -0.54 1.33 33.08
C LEU A 257 -0.99 0.73 34.41
N GLN A 258 -2.01 1.32 34.99
CA GLN A 258 -2.55 0.84 36.25
C GLN A 258 -3.72 -0.03 35.88
N PRO A 259 -4.06 -1.00 36.73
CA PRO A 259 -5.21 -1.87 36.42
C PRO A 259 -6.46 -1.04 36.13
N GLY A 260 -7.14 -1.33 35.04
CA GLY A 260 -8.34 -0.62 34.67
C GLY A 260 -8.18 0.40 33.56
N GLU A 261 -6.95 0.83 33.30
CA GLU A 261 -6.71 1.80 32.26
C GLU A 261 -6.89 1.16 30.91
N LYS A 262 -7.52 1.90 30.00
CA LYS A 262 -7.82 1.43 28.65
C LYS A 262 -6.80 1.89 27.63
N VAL A 263 -6.76 1.17 26.50
CA VAL A 263 -5.84 1.50 25.43
C VAL A 263 -6.43 1.44 24.03
N SER A 264 -6.10 2.48 23.26
CA SER A 264 -6.50 2.63 21.87
C SER A 264 -7.97 2.84 21.59
N TYR A 265 -8.29 2.98 20.30
CA TYR A 265 -9.64 3.22 19.83
C TYR A 265 -10.68 2.21 20.33
N GLY A 266 -11.84 2.73 20.69
CA GLY A 266 -12.92 1.91 21.19
C GLY A 266 -12.65 1.48 22.62
N ALA A 267 -11.47 1.80 23.12
CA ALA A 267 -11.09 1.43 24.49
C ALA A 267 -11.40 -0.04 24.68
N THR A 268 -11.08 -0.83 23.66
CA THR A 268 -11.32 -2.27 23.68
C THR A 268 -10.35 -3.04 24.56
N TYR A 269 -9.22 -2.42 24.91
CA TYR A 269 -8.25 -3.10 25.77
C TYR A 269 -8.19 -2.46 27.16
N THR A 270 -8.20 -3.31 28.19
CA THR A 270 -8.14 -2.86 29.58
C THR A 270 -6.98 -3.53 30.32
N ALA A 271 -6.10 -2.74 30.93
CA ALA A 271 -4.98 -3.31 31.66
C ALA A 271 -5.59 -4.12 32.82
N GLN A 272 -5.16 -5.36 32.97
CA GLN A 272 -5.68 -6.21 34.04
C GLN A 272 -4.92 -5.93 35.33
N THR A 273 -3.65 -5.62 35.18
CA THR A 273 -2.79 -5.30 36.30
C THR A 273 -1.80 -4.23 35.84
N GLU A 274 -0.83 -3.91 36.70
CA GLU A 274 0.19 -2.92 36.39
C GLU A 274 1.04 -3.51 35.28
N GLU A 275 1.00 -2.89 34.10
CA GLU A 275 1.79 -3.40 33.00
C GLU A 275 2.49 -2.29 32.26
N TRP A 276 3.53 -2.68 31.53
CA TRP A 276 4.30 -1.75 30.74
C TRP A 276 3.86 -1.84 29.29
N ILE A 277 3.37 -0.70 28.76
CA ILE A 277 2.91 -0.59 27.40
C ILE A 277 3.94 0.17 26.58
N GLY A 278 4.27 -0.36 25.40
CA GLY A 278 5.20 0.31 24.52
C GLY A 278 4.42 0.82 23.31
N THR A 279 4.88 1.91 22.71
CA THR A 279 4.21 2.46 21.54
C THR A 279 5.21 2.43 20.40
N ILE A 280 4.80 1.93 19.24
CA ILE A 280 5.71 1.89 18.11
C ILE A 280 5.13 2.66 16.92
N PRO A 281 6.01 3.33 16.16
CA PRO A 281 5.60 4.11 15.00
C PRO A 281 5.28 3.38 13.69
N ILE A 282 4.31 2.48 13.73
CA ILE A 282 3.88 1.78 12.53
C ILE A 282 2.39 1.48 12.69
N GLY A 283 1.64 1.68 11.62
CA GLY A 283 0.21 1.45 11.66
C GLY A 283 -0.29 0.89 10.35
N TYR A 284 -1.61 0.94 10.12
CA TYR A 284 -2.14 0.38 8.89
C TYR A 284 -1.86 1.11 7.59
N ALA A 285 -1.45 2.39 7.68
CA ALA A 285 -1.12 3.15 6.49
C ALA A 285 0.26 2.70 6.02
N ASP A 286 0.92 1.92 6.86
CA ASP A 286 2.24 1.38 6.54
C ASP A 286 2.09 -0.06 6.04
N GLY A 287 0.87 -0.58 6.06
CA GLY A 287 0.64 -1.94 5.61
C GLY A 287 0.41 -2.91 6.77
N TRP A 288 0.55 -2.42 7.99
CA TRP A 288 0.33 -3.24 9.17
C TRP A 288 -1.17 -3.15 9.46
N LEU A 289 -1.94 -3.86 8.65
CA LEU A 289 -3.40 -3.86 8.74
C LEU A 289 -3.99 -4.12 10.11
N ARG A 290 -5.15 -3.50 10.34
CA ARG A 290 -5.86 -3.61 11.60
C ARG A 290 -6.11 -5.05 12.00
N ARG A 291 -6.21 -5.93 11.01
CA ARG A 291 -6.46 -7.35 11.24
C ARG A 291 -5.34 -8.04 12.05
N LEU A 292 -4.20 -7.38 12.18
CA LEU A 292 -3.10 -7.97 12.93
C LEU A 292 -3.22 -7.60 14.41
N GLN A 293 -4.41 -7.14 14.79
CA GLN A 293 -4.70 -6.72 16.14
C GLN A 293 -4.38 -7.71 17.26
N HIS A 294 -4.46 -9.00 16.98
CA HIS A 294 -4.18 -9.99 18.02
C HIS A 294 -2.88 -10.75 17.80
N PHE A 295 -2.01 -10.17 16.96
CA PHE A 295 -0.73 -10.77 16.66
C PHE A 295 0.29 -10.32 17.70
N HIS A 296 1.57 -10.57 17.45
CA HIS A 296 2.60 -10.18 18.40
C HIS A 296 3.82 -9.74 17.62
N VAL A 297 4.71 -9.03 18.31
CA VAL A 297 5.95 -8.58 17.68
C VAL A 297 7.08 -9.09 18.54
N LEU A 298 8.31 -8.95 18.05
CA LEU A 298 9.46 -9.38 18.81
C LEU A 298 10.16 -8.17 19.44
N VAL A 299 10.43 -8.26 20.73
CA VAL A 299 11.09 -7.18 21.44
C VAL A 299 12.00 -7.77 22.50
N ASP A 300 13.28 -7.44 22.40
CA ASP A 300 14.26 -7.95 23.35
C ASP A 300 14.32 -9.46 23.32
N GLY A 301 14.06 -10.03 22.14
CA GLY A 301 14.12 -11.48 21.99
C GLY A 301 12.90 -12.26 22.41
N GLN A 302 11.86 -11.59 22.89
CA GLN A 302 10.67 -12.29 23.30
C GLN A 302 9.47 -11.77 22.57
N LYS A 303 8.40 -12.55 22.54
CA LYS A 303 7.20 -12.14 21.85
C LYS A 303 6.40 -11.19 22.74
N ALA A 304 5.94 -10.09 22.16
CA ALA A 304 5.15 -9.10 22.89
C ALA A 304 3.84 -8.89 22.10
N PRO A 305 2.70 -9.12 22.77
CA PRO A 305 1.38 -8.97 22.14
C PRO A 305 0.93 -7.55 21.87
N ILE A 306 0.43 -7.32 20.66
CA ILE A 306 -0.10 -6.02 20.29
C ILE A 306 -1.33 -5.91 21.16
N VAL A 307 -1.59 -4.76 21.77
CA VAL A 307 -2.78 -4.60 22.60
C VAL A 307 -3.67 -3.48 22.07
N GLY A 308 -4.98 -3.70 22.12
CA GLY A 308 -5.92 -2.71 21.61
C GLY A 308 -5.86 -2.68 20.09
N ARG A 309 -6.62 -1.79 19.48
CA ARG A 309 -6.64 -1.67 18.03
C ARG A 309 -5.39 -0.99 17.45
N ILE A 310 -5.06 -1.35 16.22
CA ILE A 310 -3.91 -0.76 15.54
C ILE A 310 -4.41 0.55 14.91
N CYS A 311 -3.58 1.59 14.98
CA CYS A 311 -3.93 2.88 14.42
C CYS A 311 -3.30 3.07 13.04
N MET A 312 -3.57 4.21 12.43
CA MET A 312 -3.04 4.48 11.11
C MET A 312 -1.52 4.51 11.05
N ASP A 313 -0.91 5.07 12.09
CA ASP A 313 0.55 5.22 12.13
C ASP A 313 1.23 4.64 13.34
N GLN A 314 0.46 4.14 14.30
CA GLN A 314 1.06 3.57 15.50
C GLN A 314 0.24 2.46 16.11
N CYS A 315 0.87 1.69 16.98
CA CYS A 315 0.19 0.63 17.71
C CYS A 315 0.92 0.39 19.01
N MET A 316 0.25 -0.25 19.95
CA MET A 316 0.83 -0.51 21.27
C MET A 316 1.05 -2.01 21.52
N ILE A 317 2.04 -2.34 22.33
CA ILE A 317 2.35 -3.74 22.63
C ILE A 317 2.65 -3.84 24.10
N ARG A 318 2.32 -4.98 24.73
CA ARG A 318 2.62 -5.13 26.14
C ARG A 318 4.07 -5.60 26.25
N LEU A 319 4.84 -4.94 27.11
CA LEU A 319 6.26 -5.25 27.30
C LEU A 319 6.57 -6.10 28.53
N PRO A 320 7.65 -6.89 28.46
CA PRO A 320 8.06 -7.76 29.57
C PRO A 320 8.26 -6.94 30.82
N GLY A 321 8.70 -5.70 30.63
CA GLY A 321 8.93 -4.81 31.75
C GLY A 321 9.32 -3.48 31.16
N PRO A 322 9.88 -2.57 31.96
CA PRO A 322 10.29 -1.27 31.43
C PRO A 322 11.53 -1.42 30.55
N LEU A 323 11.37 -1.13 29.27
CA LEU A 323 12.50 -1.19 28.34
C LEU A 323 12.79 0.25 27.95
N PRO A 324 14.02 0.54 27.52
CA PRO A 324 14.32 1.93 27.14
C PRO A 324 13.70 2.31 25.80
N VAL A 325 13.27 3.56 25.70
CA VAL A 325 12.70 4.08 24.46
C VAL A 325 13.86 3.88 23.47
N GLY A 326 13.54 3.58 22.22
CA GLY A 326 14.57 3.37 21.23
C GLY A 326 14.91 1.90 21.07
N THR A 327 14.38 1.06 21.95
CA THR A 327 14.62 -0.35 21.84
C THR A 327 14.03 -0.85 20.52
N LYS A 328 14.80 -1.63 19.78
CA LYS A 328 14.37 -2.16 18.49
C LYS A 328 13.30 -3.24 18.59
N VAL A 329 12.30 -3.13 17.71
CA VAL A 329 11.20 -4.09 17.66
C VAL A 329 11.20 -4.71 16.27
N THR A 330 11.05 -6.02 16.20
CA THR A 330 11.02 -6.67 14.90
C THR A 330 9.60 -7.18 14.66
N LEU A 331 9.05 -6.86 13.49
CA LEU A 331 7.69 -7.27 13.17
C LEU A 331 7.74 -8.48 12.26
N ILE A 332 8.78 -8.54 11.44
CA ILE A 332 9.00 -9.66 10.53
C ILE A 332 10.50 -9.84 10.50
N GLY A 333 10.96 -10.99 10.99
CA GLY A 333 12.38 -11.25 11.02
C GLY A 333 12.67 -12.00 12.29
N ARG A 334 13.93 -12.04 12.71
CA ARG A 334 14.23 -12.77 13.92
C ARG A 334 14.99 -11.97 14.93
N GLN A 335 14.80 -12.32 16.19
CA GLN A 335 15.49 -11.68 17.29
C GLN A 335 15.90 -12.80 18.24
N GLY A 336 17.20 -13.06 18.32
CA GLY A 336 17.70 -14.10 19.20
C GLY A 336 17.28 -15.47 18.72
N ASP A 337 16.38 -16.12 19.46
CA ASP A 337 15.91 -17.44 19.08
C ASP A 337 14.53 -17.37 18.46
N GLU A 338 13.83 -16.26 18.70
CA GLU A 338 12.49 -16.06 18.16
C GLU A 338 12.52 -15.56 16.73
N VAL A 339 11.48 -15.89 15.98
CA VAL A 339 11.38 -15.45 14.61
C VAL A 339 9.92 -15.33 14.18
N ILE A 340 9.66 -14.40 13.26
CA ILE A 340 8.34 -14.18 12.70
C ILE A 340 8.61 -14.10 11.21
N SER A 341 8.01 -15.00 10.44
CA SER A 341 8.21 -15.03 9.00
C SER A 341 7.01 -14.44 8.30
N ILE A 342 7.16 -14.14 7.02
CA ILE A 342 6.06 -13.56 6.27
C ILE A 342 4.90 -14.56 6.31
N ASP A 343 5.23 -15.86 6.32
CA ASP A 343 4.19 -16.90 6.36
C ASP A 343 3.37 -16.85 7.64
N ASP A 344 3.99 -16.41 8.73
CA ASP A 344 3.29 -16.28 10.00
C ASP A 344 2.27 -15.14 9.89
N VAL A 345 2.72 -14.01 9.34
CA VAL A 345 1.84 -12.86 9.19
C VAL A 345 0.72 -13.18 8.21
N ALA A 346 1.04 -13.90 7.15
CA ALA A 346 0.06 -14.29 6.15
C ALA A 346 -1.02 -15.17 6.77
N ARG A 347 -0.62 -16.02 7.70
CA ARG A 347 -1.56 -16.91 8.35
C ARG A 347 -2.54 -16.12 9.21
N HIS A 348 -2.02 -15.16 9.96
CA HIS A 348 -2.88 -14.37 10.82
C HIS A 348 -3.82 -13.46 10.03
N LEU A 349 -3.32 -12.92 8.92
CA LEU A 349 -4.11 -12.06 8.07
C LEU A 349 -5.03 -12.91 7.22
N GLU A 350 -4.80 -14.23 7.23
CA GLU A 350 -5.59 -15.18 6.44
C GLU A 350 -5.46 -14.95 4.94
N THR A 351 -4.22 -14.88 4.47
CA THR A 351 -3.97 -14.66 3.05
C THR A 351 -2.70 -15.41 2.72
N ILE A 352 -2.13 -15.18 1.54
CA ILE A 352 -0.89 -15.87 1.16
C ILE A 352 0.28 -14.92 1.30
N ASN A 353 1.50 -15.47 1.40
CA ASN A 353 2.68 -14.64 1.59
C ASN A 353 2.85 -13.55 0.52
N TYR A 354 2.51 -13.87 -0.72
CA TYR A 354 2.62 -12.92 -1.83
C TYR A 354 2.12 -11.55 -1.45
N GLU A 355 0.94 -11.51 -0.85
CA GLU A 355 0.27 -10.26 -0.50
C GLU A 355 0.88 -9.41 0.61
N VAL A 356 1.65 -10.02 1.49
CA VAL A 356 2.20 -9.27 2.61
C VAL A 356 3.27 -8.21 2.27
N PRO A 357 4.37 -8.58 1.58
CA PRO A 357 5.35 -7.53 1.29
C PRO A 357 4.85 -6.44 0.35
N CYS A 358 3.89 -6.79 -0.52
CA CYS A 358 3.32 -5.81 -1.44
C CYS A 358 2.51 -4.75 -0.71
N THR A 359 1.95 -5.13 0.43
CA THR A 359 1.11 -4.23 1.21
C THR A 359 1.91 -3.33 2.13
N ILE A 360 3.19 -3.63 2.35
CA ILE A 360 4.00 -2.76 3.19
C ILE A 360 4.18 -1.59 2.24
N SER A 361 3.56 -0.47 2.58
CA SER A 361 3.53 0.71 1.74
C SER A 361 4.76 1.56 1.45
N TYR A 362 4.54 2.53 0.57
CA TYR A 362 5.55 3.48 0.12
C TYR A 362 6.11 4.28 1.30
N ARG A 363 5.38 4.33 2.41
CA ARG A 363 5.81 5.08 3.59
C ARG A 363 6.98 4.44 4.33
N VAL A 364 7.19 3.15 4.09
CA VAL A 364 8.25 2.42 4.77
C VAL A 364 9.48 2.34 3.88
N PRO A 365 10.60 2.94 4.33
CA PRO A 365 11.84 2.92 3.56
C PRO A 365 12.45 1.52 3.48
N ARG A 366 13.14 1.26 2.38
CA ARG A 366 13.79 -0.03 2.18
C ARG A 366 15.31 0.15 2.29
N ILE A 367 15.93 -0.59 3.20
CA ILE A 367 17.39 -0.56 3.40
C ILE A 367 17.94 -1.82 2.75
N PHE A 368 18.85 -1.66 1.81
CA PHE A 368 19.41 -2.81 1.11
C PHE A 368 20.76 -3.27 1.60
N PHE A 369 20.89 -4.58 1.77
CA PHE A 369 22.12 -5.20 2.23
C PHE A 369 22.68 -6.10 1.15
N ARG A 370 24.00 -6.10 1.05
CA ARG A 370 24.72 -6.91 0.09
C ARG A 370 26.12 -7.11 0.66
N HIS A 371 26.61 -8.34 0.57
CA HIS A 371 27.92 -8.70 1.08
C HIS A 371 27.98 -8.37 2.55
N LYS A 372 26.81 -8.47 3.17
CA LYS A 372 26.63 -8.21 4.59
C LYS A 372 26.86 -6.76 5.00
N ARG A 373 26.70 -5.84 4.06
CA ARG A 373 26.88 -4.42 4.37
C ARG A 373 25.73 -3.62 3.79
N ILE A 374 25.37 -2.52 4.44
CA ILE A 374 24.28 -1.70 3.94
C ILE A 374 24.70 -1.17 2.57
N MET A 375 23.91 -1.46 1.55
CA MET A 375 24.20 -1.02 0.20
C MET A 375 23.64 0.37 -0.06
N GLU A 376 22.34 0.53 0.12
CA GLU A 376 21.71 1.82 -0.09
C GLU A 376 20.41 1.90 0.69
N VAL A 377 19.81 3.09 0.73
CA VAL A 377 18.54 3.29 1.41
C VAL A 377 17.58 3.84 0.37
N ARG A 378 16.32 3.41 0.44
CA ARG A 378 15.34 3.88 -0.52
C ARG A 378 14.09 4.35 0.17
N ASN A 379 13.95 5.67 0.28
CA ASN A 379 12.81 6.28 0.93
C ASN A 379 11.91 6.89 -0.14
N ALA A 380 10.75 6.28 -0.37
CA ALA A 380 9.82 6.77 -1.38
C ALA A 380 9.41 8.21 -1.13
N ILE A 381 9.07 8.56 0.11
CA ILE A 381 8.66 9.91 0.42
C ILE A 381 9.82 10.80 0.87
N GLY A 382 11.01 10.48 0.38
CA GLY A 382 12.19 11.25 0.74
C GLY A 382 12.33 12.49 -0.12
N ARG A 383 13.43 13.23 0.10
CA ARG A 383 13.69 14.45 -0.66
C ARG A 383 13.96 14.16 -2.14
N ASN B 2 1.61 14.67 -15.38
CA ASN B 2 1.86 13.20 -15.24
C ASN B 2 0.95 12.39 -16.18
N ASP B 3 1.48 11.26 -16.64
CA ASP B 3 0.74 10.39 -17.54
C ASP B 3 0.85 8.95 -17.03
N PHE B 4 -0.05 8.07 -17.45
CA PHE B 4 0.00 6.68 -17.02
C PHE B 4 -0.41 5.75 -18.16
N HIS B 5 0.07 4.51 -18.11
CA HIS B 5 -0.21 3.54 -19.16
C HIS B 5 -0.96 2.25 -18.84
N ARG B 6 -1.79 2.29 -17.81
CA ARG B 6 -2.61 1.14 -17.43
C ARG B 6 -3.97 1.75 -17.17
N ASP B 7 -5.02 1.11 -17.68
CA ASP B 7 -6.38 1.64 -17.51
C ASP B 7 -6.96 1.40 -16.11
N THR B 8 -6.29 1.91 -15.09
CA THR B 8 -6.73 1.80 -13.71
C THR B 8 -6.32 3.10 -13.05
N TRP B 9 -7.26 3.77 -12.39
CA TRP B 9 -6.97 5.05 -11.76
C TRP B 9 -8.01 5.41 -10.74
N ALA B 10 -7.61 6.21 -9.76
CA ALA B 10 -8.49 6.69 -8.72
C ALA B 10 -8.81 8.13 -9.13
N GLU B 11 -9.91 8.67 -8.62
CA GLU B 11 -10.24 10.05 -8.94
C GLU B 11 -10.54 10.73 -7.62
N VAL B 12 -9.94 11.88 -7.39
CA VAL B 12 -10.17 12.61 -6.16
C VAL B 12 -10.89 13.91 -6.48
N ASP B 13 -12.09 14.05 -5.94
CA ASP B 13 -12.89 15.24 -6.16
C ASP B 13 -12.54 16.28 -5.12
N LEU B 14 -11.70 17.24 -5.50
CA LEU B 14 -11.28 18.29 -4.58
C LEU B 14 -12.38 19.28 -4.26
N ASP B 15 -13.46 19.29 -5.05
CA ASP B 15 -14.54 20.21 -4.74
C ASP B 15 -15.26 19.68 -3.53
N ALA B 16 -15.28 18.36 -3.39
CA ALA B 16 -15.91 17.67 -2.26
C ALA B 16 -15.12 17.98 -1.02
N ILE B 17 -13.80 17.85 -1.13
CA ILE B 17 -12.94 18.14 0.00
C ILE B 17 -13.13 19.60 0.42
N TYR B 18 -13.18 20.51 -0.55
CA TYR B 18 -13.36 21.93 -0.25
C TYR B 18 -14.67 22.17 0.52
N ASP B 19 -15.77 21.60 0.04
CA ASP B 19 -17.07 21.75 0.69
C ASP B 19 -17.11 21.17 2.10
N ASN B 20 -16.48 20.01 2.30
CA ASN B 20 -16.46 19.38 3.62
C ASN B 20 -15.77 20.28 4.63
N VAL B 21 -14.69 20.93 4.21
CA VAL B 21 -13.95 21.83 5.09
C VAL B 21 -14.63 23.19 5.26
N GLU B 22 -15.11 23.75 4.16
CA GLU B 22 -15.78 25.04 4.22
C GLU B 22 -17.00 25.01 5.12
N ASN B 23 -17.73 23.91 5.07
CA ASN B 23 -18.93 23.74 5.89
C ASN B 23 -18.58 23.70 7.38
N LEU B 24 -17.41 23.18 7.72
CA LEU B 24 -17.00 23.15 9.12
C LEU B 24 -16.59 24.55 9.55
N ARG B 25 -16.00 25.29 8.60
CA ARG B 25 -15.55 26.66 8.83
C ARG B 25 -16.73 27.54 9.20
N ARG B 26 -17.91 27.16 8.72
CA ARG B 26 -19.13 27.90 9.01
C ARG B 26 -19.67 27.52 10.37
N LEU B 27 -19.59 26.23 10.67
CA LEU B 27 -20.06 25.65 11.91
C LEU B 27 -19.24 26.07 13.15
N LEU B 28 -17.94 26.30 12.97
CA LEU B 28 -17.06 26.67 14.07
C LEU B 28 -17.00 28.16 14.40
N PRO B 29 -16.63 28.49 15.65
CA PRO B 29 -16.52 29.89 16.10
C PRO B 29 -15.35 30.57 15.35
N ASP B 30 -15.60 31.76 14.83
CA ASP B 30 -14.58 32.50 14.06
C ASP B 30 -13.20 32.57 14.70
N ASP B 31 -13.12 32.29 15.99
CA ASP B 31 -11.86 32.34 16.70
C ASP B 31 -11.15 30.97 16.65
N THR B 32 -11.88 29.96 16.23
CA THR B 32 -11.38 28.59 16.15
C THR B 32 -10.66 28.19 14.88
N HIS B 33 -9.45 27.70 15.03
CA HIS B 33 -8.62 27.26 13.91
C HIS B 33 -9.02 25.87 13.44
N ILE B 34 -8.79 25.60 12.15
CA ILE B 34 -9.05 24.30 11.59
C ILE B 34 -7.68 23.80 11.14
N MET B 35 -7.27 22.65 11.64
CA MET B 35 -5.99 22.07 11.26
C MET B 35 -6.32 20.83 10.45
N ALA B 36 -5.97 20.87 9.17
CA ALA B 36 -6.22 19.76 8.26
C ALA B 36 -5.23 18.60 8.43
N VAL B 37 -5.74 17.42 8.74
CA VAL B 37 -4.90 16.23 8.93
C VAL B 37 -4.66 15.57 7.58
N VAL B 38 -3.44 15.72 7.07
CA VAL B 38 -3.11 15.16 5.77
C VAL B 38 -1.98 14.13 5.77
N LYS B 39 -1.88 13.36 6.85
CA LYS B 39 -0.88 12.31 6.97
C LYS B 39 -1.25 11.13 6.05
N ALA B 40 -0.28 10.25 5.81
CA ALA B 40 -0.47 9.08 4.96
C ALA B 40 -0.95 9.53 3.59
N ASN B 41 -0.23 10.49 3.01
CA ASN B 41 -0.57 11.03 1.69
C ASN B 41 -2.02 11.49 1.66
N ALA B 42 -2.45 12.18 2.72
CA ALA B 42 -3.82 12.67 2.83
C ALA B 42 -4.80 11.50 2.79
N TYR B 43 -4.59 10.54 3.68
CA TYR B 43 -5.45 9.35 3.74
C TYR B 43 -5.62 8.75 2.36
N GLY B 44 -4.53 8.73 1.60
CA GLY B 44 -4.55 8.17 0.25
C GLY B 44 -5.12 9.02 -0.87
N HIS B 45 -5.42 10.28 -0.59
CA HIS B 45 -6.00 11.16 -1.60
C HIS B 45 -5.01 12.12 -2.29
N GLY B 46 -3.78 12.22 -1.79
CA GLY B 46 -2.80 13.11 -2.39
C GLY B 46 -2.46 14.25 -1.43
N ASP B 47 -1.33 14.15 -0.74
CA ASP B 47 -0.96 15.15 0.25
C ASP B 47 -0.98 16.63 -0.14
N VAL B 48 -0.20 17.04 -1.14
CA VAL B 48 -0.19 18.46 -1.53
C VAL B 48 -1.50 18.97 -2.13
N GLN B 49 -2.18 18.15 -2.93
CA GLN B 49 -3.45 18.56 -3.54
C GLN B 49 -4.54 18.85 -2.51
N VAL B 50 -4.65 18.00 -1.50
CA VAL B 50 -5.66 18.17 -0.47
C VAL B 50 -5.26 19.33 0.45
N ALA B 51 -3.98 19.39 0.82
CA ALA B 51 -3.48 20.44 1.70
C ALA B 51 -3.86 21.82 1.15
N ARG B 52 -3.56 22.05 -0.12
CA ARG B 52 -3.88 23.32 -0.78
C ARG B 52 -5.37 23.62 -0.77
N THR B 53 -6.20 22.63 -1.09
CA THR B 53 -7.65 22.84 -1.11
C THR B 53 -8.19 23.12 0.27
N ALA B 54 -7.63 22.46 1.28
CA ALA B 54 -8.07 22.66 2.66
C ALA B 54 -7.70 24.07 3.12
N LEU B 55 -6.49 24.51 2.79
CA LEU B 55 -6.06 25.83 3.18
C LEU B 55 -6.97 26.84 2.48
N GLU B 56 -7.29 26.55 1.23
CA GLU B 56 -8.15 27.40 0.42
C GLU B 56 -9.55 27.53 1.01
N ALA B 57 -10.04 26.46 1.63
CA ALA B 57 -11.39 26.43 2.20
C ALA B 57 -11.52 26.96 3.63
N GLY B 58 -10.42 27.28 4.29
CA GLY B 58 -10.52 27.79 5.64
C GLY B 58 -9.61 27.18 6.68
N ALA B 59 -8.87 26.15 6.30
CA ALA B 59 -7.94 25.52 7.22
C ALA B 59 -6.75 26.47 7.29
N SER B 60 -6.17 26.65 8.47
CA SER B 60 -5.02 27.53 8.63
C SER B 60 -3.73 26.76 8.91
N ARG B 61 -3.85 25.51 9.34
CA ARG B 61 -2.68 24.71 9.64
C ARG B 61 -2.81 23.28 9.13
N LEU B 62 -1.69 22.56 9.09
CA LEU B 62 -1.69 21.17 8.63
C LEU B 62 -1.04 20.24 9.66
N ALA B 63 -1.40 18.96 9.59
CA ALA B 63 -0.85 17.95 10.51
C ALA B 63 -0.48 16.71 9.75
N VAL B 64 0.70 16.15 10.05
CA VAL B 64 1.18 14.92 9.42
C VAL B 64 1.57 13.91 10.52
N ALA B 65 1.90 12.69 10.12
CA ALA B 65 2.25 11.64 11.06
C ALA B 65 3.68 11.72 11.58
N PHE B 66 4.63 11.92 10.67
CA PHE B 66 6.03 12.01 11.06
C PHE B 66 6.81 12.99 10.18
N LEU B 67 7.99 13.36 10.64
CA LEU B 67 8.83 14.34 9.95
C LEU B 67 8.91 14.24 8.43
N ASP B 68 9.18 13.04 7.90
CA ASP B 68 9.29 12.88 6.46
C ASP B 68 8.11 13.44 5.70
N GLU B 69 6.92 13.27 6.28
CA GLU B 69 5.70 13.73 5.64
C GLU B 69 5.60 15.26 5.59
N ALA B 70 6.19 15.93 6.57
CA ALA B 70 6.18 17.39 6.62
C ALA B 70 7.20 17.98 5.64
N LEU B 71 8.39 17.40 5.60
CA LEU B 71 9.42 17.87 4.69
C LEU B 71 8.95 17.75 3.24
N ALA B 72 8.24 16.67 2.92
CA ALA B 72 7.74 16.46 1.57
C ALA B 72 6.80 17.57 1.17
N LEU B 73 5.93 17.99 2.09
CA LEU B 73 4.98 19.06 1.83
C LEU B 73 5.75 20.35 1.59
N ARG B 74 6.79 20.57 2.37
CA ARG B 74 7.61 21.78 2.23
C ARG B 74 8.26 21.85 0.86
N GLU B 75 8.80 20.72 0.41
CA GLU B 75 9.46 20.61 -0.89
C GLU B 75 8.47 20.86 -2.02
N LYS B 76 7.24 20.41 -1.82
CA LYS B 76 6.20 20.56 -2.82
C LYS B 76 5.67 21.99 -2.84
N GLY B 77 6.19 22.82 -1.94
CA GLY B 77 5.79 24.20 -1.91
C GLY B 77 4.78 24.68 -0.88
N ILE B 78 4.48 23.87 0.13
CA ILE B 78 3.52 24.32 1.14
C ILE B 78 4.27 25.16 2.16
N GLU B 79 3.70 26.31 2.51
CA GLU B 79 4.33 27.21 3.46
C GLU B 79 3.52 27.41 4.71
N ALA B 80 2.37 26.75 4.78
CA ALA B 80 1.51 26.85 5.94
C ALA B 80 2.18 26.12 7.10
N PRO B 81 1.77 26.40 8.33
CA PRO B 81 2.37 25.72 9.47
C PRO B 81 1.99 24.23 9.46
N ILE B 82 2.94 23.37 9.82
CA ILE B 82 2.71 21.93 9.86
C ILE B 82 3.10 21.38 11.22
N LEU B 83 2.24 20.55 11.79
CA LEU B 83 2.54 19.94 13.07
C LEU B 83 2.74 18.44 12.91
N VAL B 84 3.83 17.93 13.46
CA VAL B 84 4.10 16.50 13.42
C VAL B 84 3.39 15.95 14.66
N LEU B 85 2.41 15.07 14.43
CA LEU B 85 1.63 14.51 15.52
C LEU B 85 2.33 13.36 16.23
N GLY B 86 3.25 12.71 15.53
CA GLY B 86 3.95 11.58 16.12
C GLY B 86 5.31 11.86 16.72
N ALA B 87 6.07 10.79 16.97
CA ALA B 87 7.39 10.90 17.56
C ALA B 87 8.42 11.35 16.53
N SER B 88 9.50 11.94 17.03
CA SER B 88 10.60 12.41 16.17
C SER B 88 11.89 12.26 16.94
N ARG B 89 13.01 12.29 16.24
CA ARG B 89 14.31 12.16 16.89
C ARG B 89 14.81 13.48 17.40
N PRO B 90 15.35 13.51 18.63
CA PRO B 90 15.85 14.77 19.14
C PRO B 90 16.90 15.36 18.19
N ALA B 91 17.62 14.50 17.49
CA ALA B 91 18.65 14.92 16.56
C ALA B 91 18.09 15.63 15.32
N ASP B 92 16.78 15.54 15.13
CA ASP B 92 16.13 16.16 13.98
C ASP B 92 15.46 17.50 14.33
N ALA B 93 15.63 17.95 15.57
CA ALA B 93 15.04 19.19 16.04
C ALA B 93 15.47 20.40 15.20
N ALA B 94 16.76 20.50 14.90
CA ALA B 94 17.28 21.61 14.10
C ALA B 94 16.65 21.64 12.71
N LEU B 95 16.51 20.46 12.11
CA LEU B 95 15.92 20.34 10.78
C LEU B 95 14.48 20.82 10.83
N ALA B 96 13.74 20.35 11.83
CA ALA B 96 12.36 20.76 12.01
C ALA B 96 12.28 22.26 12.23
N ALA B 97 13.19 22.80 13.05
CA ALA B 97 13.20 24.23 13.36
C ALA B 97 13.53 25.04 12.11
N GLN B 98 14.46 24.53 11.32
CA GLN B 98 14.87 25.17 10.10
C GLN B 98 13.74 25.22 9.09
N GLN B 99 12.89 24.20 9.07
CA GLN B 99 11.78 24.13 8.12
C GLN B 99 10.44 24.64 8.65
N ARG B 100 10.44 25.21 9.85
CA ARG B 100 9.22 25.74 10.45
C ARG B 100 8.16 24.67 10.66
N ILE B 101 8.57 23.57 11.29
CA ILE B 101 7.70 22.45 11.58
C ILE B 101 7.58 22.24 13.08
N ALA B 102 6.36 22.34 13.62
CA ALA B 102 6.13 22.15 15.03
C ALA B 102 6.21 20.66 15.39
N LEU B 103 6.74 20.35 16.57
CA LEU B 103 6.88 18.97 17.01
C LEU B 103 6.05 18.62 18.23
N THR B 104 5.62 17.36 18.30
CA THR B 104 4.83 16.88 19.43
C THR B 104 5.86 16.38 20.43
N VAL B 105 5.64 16.70 21.71
CA VAL B 105 6.54 16.27 22.77
C VAL B 105 5.73 15.71 23.92
N PHE B 106 6.24 14.66 24.56
CA PHE B 106 5.52 14.01 25.67
C PHE B 106 6.48 13.35 26.67
N ARG B 107 7.78 13.57 26.50
CA ARG B 107 8.76 12.99 27.41
C ARG B 107 9.79 14.03 27.78
N SER B 108 10.09 14.14 29.06
CA SER B 108 11.07 15.11 29.52
C SER B 108 12.49 14.74 29.08
N ASP B 109 12.77 13.45 28.98
CA ASP B 109 14.12 13.03 28.57
C ASP B 109 14.42 13.31 27.09
N TRP B 110 13.36 13.51 26.31
CA TRP B 110 13.51 13.82 24.90
C TRP B 110 14.07 15.25 24.82
N LEU B 111 13.48 16.12 25.63
CA LEU B 111 13.90 17.52 25.67
C LEU B 111 15.32 17.66 26.18
N GLU B 112 15.68 16.89 27.20
CA GLU B 112 17.04 16.96 27.73
C GLU B 112 18.01 16.72 26.58
N GLU B 113 17.66 15.77 25.70
CA GLU B 113 18.50 15.44 24.56
C GLU B 113 18.54 16.55 23.51
N ALA B 114 17.37 17.03 23.13
CA ALA B 114 17.26 18.09 22.14
C ALA B 114 18.01 19.32 22.60
N SER B 115 17.92 19.63 23.89
CA SER B 115 18.60 20.80 24.45
C SER B 115 20.10 20.75 24.22
N ALA B 116 20.70 19.62 24.57
CA ALA B 116 22.13 19.42 24.43
C ALA B 116 22.59 19.46 22.98
N LEU B 117 21.67 19.27 22.06
CA LEU B 117 22.00 19.26 20.63
C LEU B 117 21.66 20.52 19.85
N TYR B 118 20.67 21.26 20.30
CA TYR B 118 20.22 22.46 19.60
C TYR B 118 20.45 23.73 20.39
N SER B 119 21.07 24.71 19.73
CA SER B 119 21.36 25.98 20.38
C SER B 119 20.68 27.18 19.70
N GLY B 120 20.21 26.98 18.47
CA GLY B 120 19.56 28.07 17.76
C GLY B 120 19.98 28.08 16.31
N PRO B 121 19.73 29.18 15.57
CA PRO B 121 19.08 30.40 16.05
C PRO B 121 17.57 30.32 15.87
N PHE B 122 17.11 29.34 15.10
CA PHE B 122 15.69 29.17 14.85
C PHE B 122 14.96 28.64 16.07
N PRO B 123 13.76 29.16 16.34
CA PRO B 123 13.01 28.67 17.50
C PRO B 123 12.21 27.42 17.11
N ILE B 124 12.00 26.52 18.07
CA ILE B 124 11.24 25.30 17.81
C ILE B 124 9.89 25.38 18.53
N HIS B 125 8.81 25.21 17.78
CA HIS B 125 7.49 25.26 18.37
C HIS B 125 7.08 23.86 18.73
N PHE B 126 6.78 23.67 20.01
CA PHE B 126 6.40 22.38 20.54
C PHE B 126 4.95 22.33 20.94
N HIS B 127 4.35 21.15 20.79
CA HIS B 127 2.97 20.95 21.20
C HIS B 127 3.03 19.79 22.19
N LEU B 128 2.60 20.07 23.41
CA LEU B 128 2.60 19.08 24.48
C LEU B 128 1.42 18.10 24.38
N KCX B 129 1.73 16.81 24.26
CA KCX B 129 0.70 15.80 24.17
CB KCX B 129 1.17 14.65 23.28
CG KCX B 129 0.13 13.53 23.13
CD KCX B 129 -0.95 13.96 22.14
CE KCX B 129 -2.14 13.00 22.13
NZ KCX B 129 -1.71 11.57 22.10
C KCX B 129 0.37 15.27 25.57
O KCX B 129 1.27 14.89 26.32
CX KCX B 129 -1.96 10.72 21.12
OQ1 KCX B 129 -2.24 11.11 19.97
OQ2 KCX B 129 -1.93 9.48 21.33
N MET B 130 -0.91 15.24 25.90
CA MET B 130 -1.37 14.73 27.18
C MET B 130 -2.22 13.49 26.95
N ASP B 131 -1.87 12.38 27.59
CA ASP B 131 -2.63 11.15 27.43
C ASP B 131 -3.78 11.17 28.43
N THR B 132 -5.01 11.29 27.92
CA THR B 132 -6.19 11.34 28.78
C THR B 132 -7.02 10.06 28.78
N GLY B 133 -6.51 9.01 28.14
CA GLY B 133 -7.23 7.76 28.08
C GLY B 133 -7.11 6.99 26.78
N MET B 134 -6.30 7.49 25.85
CA MET B 134 -6.12 6.78 24.59
C MET B 134 -5.02 5.73 24.79
N GLY B 135 -4.03 6.06 25.62
CA GLY B 135 -2.94 5.15 25.92
C GLY B 135 -1.89 5.02 24.85
N ARG B 136 -1.91 5.94 23.89
CA ARG B 136 -0.96 5.93 22.78
C ARG B 136 0.28 6.76 23.11
N LEU B 137 0.15 8.09 23.05
CA LEU B 137 1.25 9.02 23.34
C LEU B 137 0.74 10.06 24.32
N GLY B 138 1.67 10.78 24.96
CA GLY B 138 1.28 11.83 25.89
C GLY B 138 1.73 11.62 27.34
N VAL B 139 1.86 12.71 28.08
CA VAL B 139 2.28 12.66 29.48
C VAL B 139 1.09 12.15 30.28
N LYS B 140 1.38 11.60 31.47
CA LYS B 140 0.33 11.06 32.32
C LYS B 140 0.30 11.70 33.70
N ASP B 141 1.45 12.20 34.16
CA ASP B 141 1.51 12.81 35.47
C ASP B 141 2.03 14.25 35.49
N GLU B 142 1.68 14.96 36.57
CA GLU B 142 2.07 16.34 36.78
C GLU B 142 3.58 16.54 36.91
N GLU B 143 4.25 15.64 37.61
CA GLU B 143 5.69 15.76 37.79
C GLU B 143 6.38 15.82 36.45
N GLU B 144 6.02 14.89 35.57
CA GLU B 144 6.61 14.84 34.25
C GLU B 144 6.22 16.07 33.45
N THR B 145 4.98 16.51 33.64
CA THR B 145 4.44 17.67 32.94
C THR B 145 5.20 18.96 33.31
N LYS B 146 5.36 19.19 34.60
CA LYS B 146 6.06 20.37 35.07
C LYS B 146 7.52 20.34 34.59
N ARG B 147 8.12 19.16 34.61
CA ARG B 147 9.50 18.99 34.18
C ARG B 147 9.69 19.45 32.75
N ILE B 148 8.74 19.07 31.89
CA ILE B 148 8.77 19.43 30.48
C ILE B 148 8.63 20.94 30.26
N VAL B 149 7.64 21.55 30.92
CA VAL B 149 7.41 22.98 30.81
C VAL B 149 8.67 23.77 31.19
N ALA B 150 9.33 23.37 32.26
CA ALA B 150 10.55 24.04 32.72
C ALA B 150 11.68 23.97 31.71
N LEU B 151 11.91 22.79 31.13
CA LEU B 151 12.98 22.63 30.16
C LEU B 151 12.72 23.53 28.95
N ILE B 152 11.47 23.64 28.55
CA ILE B 152 11.12 24.47 27.41
C ILE B 152 11.35 25.92 27.82
N GLU B 153 10.90 26.26 29.03
CA GLU B 153 11.04 27.60 29.58
C GLU B 153 12.51 27.99 29.63
N ARG B 154 13.34 27.06 30.09
CA ARG B 154 14.77 27.30 30.21
C ARG B 154 15.48 27.62 28.89
N HIS B 155 15.15 26.90 27.83
CA HIS B 155 15.80 27.12 26.54
C HIS B 155 15.24 28.33 25.79
N PRO B 156 16.12 29.20 25.31
CA PRO B 156 15.70 30.40 24.58
C PRO B 156 15.03 30.15 23.23
N HIS B 157 15.33 29.02 22.62
CA HIS B 157 14.76 28.71 21.32
C HIS B 157 13.63 27.69 21.36
N PHE B 158 13.25 27.27 22.56
CA PHE B 158 12.17 26.30 22.72
C PHE B 158 10.94 27.10 23.11
N VAL B 159 9.84 26.86 22.42
CA VAL B 159 8.61 27.57 22.70
C VAL B 159 7.45 26.58 22.81
N LEU B 160 6.63 26.74 23.83
CA LEU B 160 5.47 25.88 23.99
C LEU B 160 4.30 26.53 23.28
N GLU B 161 4.09 26.16 22.02
CA GLU B 161 3.02 26.74 21.24
C GLU B 161 1.64 26.20 21.57
N GLY B 162 1.57 24.94 21.97
CA GLY B 162 0.26 24.40 22.31
C GLY B 162 0.33 23.12 23.09
N LEU B 163 -0.84 22.58 23.41
CA LEU B 163 -0.90 21.32 24.12
C LEU B 163 -2.23 20.68 23.75
N TYR B 164 -2.25 19.35 23.70
CA TYR B 164 -3.49 18.68 23.32
C TYR B 164 -3.60 17.24 23.77
N THR B 165 -4.74 16.66 23.45
CA THR B 165 -5.03 15.28 23.75
C THR B 165 -5.79 14.71 22.55
N HIS B 166 -6.09 13.42 22.61
CA HIS B 166 -6.82 12.76 21.54
C HIS B 166 -7.82 11.79 22.16
N PHE B 167 -9.01 11.75 21.58
CA PHE B 167 -10.08 10.91 22.07
C PHE B 167 -10.13 9.52 21.42
N ALA B 168 -10.36 8.50 22.25
CA ALA B 168 -10.42 7.12 21.78
C ALA B 168 -11.84 6.70 21.38
N THR B 169 -12.85 7.39 21.90
CA THR B 169 -14.23 6.99 21.62
C THR B 169 -15.20 8.11 21.26
N ALA B 170 -14.71 9.18 20.63
CA ALA B 170 -15.58 10.30 20.25
C ALA B 170 -16.60 9.95 19.16
N ASP B 171 -16.43 8.79 18.51
CA ASP B 171 -17.33 8.39 17.45
C ASP B 171 -18.33 7.33 17.92
N GLU B 172 -18.39 7.15 19.23
CA GLU B 172 -19.32 6.20 19.85
C GLU B 172 -20.54 6.98 20.30
N VAL B 173 -21.73 6.46 20.05
CA VAL B 173 -22.96 7.14 20.45
C VAL B 173 -22.98 7.38 21.96
N ASN B 174 -22.49 6.41 22.74
CA ASN B 174 -22.45 6.58 24.18
C ASN B 174 -21.22 7.44 24.46
N THR B 175 -21.39 8.50 25.23
CA THR B 175 -20.30 9.43 25.53
C THR B 175 -19.72 9.33 26.93
N ASP B 176 -19.80 8.16 27.54
CA ASP B 176 -19.28 7.96 28.89
C ASP B 176 -17.77 8.09 28.95
N TYR B 177 -17.06 7.34 28.10
CA TYR B 177 -15.61 7.41 28.12
C TYR B 177 -15.15 8.75 27.60
N PHE B 178 -15.84 9.24 26.58
CA PHE B 178 -15.53 10.54 25.99
C PHE B 178 -15.56 11.63 27.08
N SER B 179 -16.58 11.61 27.93
CA SER B 179 -16.70 12.61 29.00
C SER B 179 -15.57 12.48 30.02
N TYR B 180 -15.17 11.26 30.31
CA TYR B 180 -14.10 11.01 31.27
C TYR B 180 -12.79 11.64 30.73
N GLN B 181 -12.53 11.45 29.45
CA GLN B 181 -11.33 11.98 28.81
C GLN B 181 -11.35 13.51 28.77
N TYR B 182 -12.49 14.08 28.43
CA TYR B 182 -12.65 15.54 28.36
C TYR B 182 -12.43 16.16 29.73
N THR B 183 -12.97 15.51 30.75
CA THR B 183 -12.83 15.99 32.13
C THR B 183 -11.38 15.83 32.56
N ARG B 184 -10.77 14.70 32.22
CA ARG B 184 -9.38 14.48 32.57
C ARG B 184 -8.52 15.59 31.97
N PHE B 185 -8.85 16.02 30.75
CA PHE B 185 -8.13 17.06 30.04
C PHE B 185 -8.18 18.41 30.76
N LEU B 186 -9.36 18.82 31.18
CA LEU B 186 -9.51 20.09 31.89
C LEU B 186 -8.75 20.06 33.20
N HIS B 187 -8.61 18.86 33.76
CA HIS B 187 -7.90 18.69 35.02
C HIS B 187 -6.40 18.82 34.82
N MET B 188 -5.88 18.17 33.78
CA MET B 188 -4.45 18.20 33.48
C MET B 188 -3.96 19.56 32.96
N LEU B 189 -4.84 20.30 32.28
CA LEU B 189 -4.50 21.61 31.76
C LEU B 189 -4.16 22.52 32.94
N GLU B 190 -4.69 22.17 34.10
CA GLU B 190 -4.47 22.90 35.34
C GLU B 190 -3.02 22.73 35.82
N TRP B 191 -2.31 21.76 35.27
CA TRP B 191 -0.93 21.52 35.65
C TRP B 191 0.01 22.51 34.97
N LEU B 192 -0.51 23.17 33.94
CA LEU B 192 0.29 24.13 33.21
C LEU B 192 0.29 25.47 33.94
N PRO B 193 1.47 26.09 34.06
CA PRO B 193 1.59 27.39 34.72
C PRO B 193 0.74 28.43 33.98
N SER B 194 0.74 28.36 32.65
CA SER B 194 -0.04 29.27 31.81
C SER B 194 -0.54 28.50 30.58
N ARG B 195 -1.74 28.86 30.12
CA ARG B 195 -2.34 28.20 28.96
C ARG B 195 -1.64 28.60 27.67
N PRO B 196 -1.18 27.62 26.88
CA PRO B 196 -0.51 27.93 25.62
C PRO B 196 -1.52 28.60 24.69
N PRO B 197 -1.03 29.29 23.65
CA PRO B 197 -1.94 29.95 22.72
C PRO B 197 -2.84 29.00 21.91
N LEU B 198 -2.41 27.75 21.79
CA LEU B 198 -3.18 26.76 21.05
C LEU B 198 -3.54 25.52 21.85
N VAL B 199 -4.82 25.41 22.23
CA VAL B 199 -5.30 24.24 22.96
C VAL B 199 -6.26 23.48 22.05
N HIS B 200 -6.00 22.19 21.84
CA HIS B 200 -6.85 21.36 20.98
C HIS B 200 -7.06 19.93 21.50
N CYS B 201 -8.10 19.29 21.00
CA CYS B 201 -8.40 17.93 21.43
C CYS B 201 -9.32 17.19 20.46
N ALA B 202 -10.17 17.95 19.78
CA ALA B 202 -11.15 17.38 18.86
C ALA B 202 -10.67 16.88 17.50
N ASN B 203 -11.22 15.73 17.09
CA ASN B 203 -10.95 15.14 15.78
C ASN B 203 -12.25 15.31 15.00
N SER B 204 -12.39 14.69 13.85
CA SER B 204 -13.60 14.86 13.06
C SER B 204 -14.88 14.70 13.88
N ALA B 205 -15.01 13.53 14.49
CA ALA B 205 -16.18 13.19 15.30
C ALA B 205 -16.46 14.15 16.44
N ALA B 206 -15.44 14.49 17.22
CA ALA B 206 -15.59 15.40 18.36
C ALA B 206 -15.94 16.82 17.95
N SER B 207 -15.33 17.31 16.88
CA SER B 207 -15.62 18.66 16.45
C SER B 207 -16.99 18.77 15.78
N LEU B 208 -17.43 17.72 15.09
CA LEU B 208 -18.72 17.75 14.42
C LEU B 208 -19.89 17.55 15.38
N ARG B 209 -19.61 16.86 16.48
CA ARG B 209 -20.64 16.56 17.50
C ARG B 209 -20.71 17.58 18.62
N PHE B 210 -19.56 18.08 19.06
CA PHE B 210 -19.52 19.07 20.13
C PHE B 210 -18.58 20.19 19.73
N PRO B 211 -18.99 21.01 18.76
CA PRO B 211 -18.19 22.14 18.27
C PRO B 211 -17.92 23.20 19.33
N ASP B 212 -18.76 23.21 20.36
CA ASP B 212 -18.60 24.17 21.44
C ASP B 212 -17.53 23.74 22.45
N ARG B 213 -17.09 22.49 22.38
CA ARG B 213 -16.05 21.99 23.28
C ARG B 213 -14.75 21.70 22.54
N THR B 214 -14.39 22.57 21.60
CA THR B 214 -13.19 22.39 20.77
C THR B 214 -11.97 23.25 21.08
N PHE B 215 -12.15 24.25 21.94
CA PHE B 215 -11.05 25.15 22.30
C PHE B 215 -10.60 26.02 21.10
N ASN B 216 -9.29 26.24 20.92
CA ASN B 216 -8.81 27.10 19.84
C ASN B 216 -8.53 26.43 18.51
N MET B 217 -8.52 25.11 18.47
CA MET B 217 -8.22 24.44 17.22
C MET B 217 -8.74 23.02 17.18
N VAL B 218 -9.21 22.58 16.02
CA VAL B 218 -9.70 21.23 15.86
C VAL B 218 -8.81 20.59 14.81
N ARG B 219 -8.65 19.28 14.89
CA ARG B 219 -7.83 18.55 13.95
C ARG B 219 -8.79 17.74 13.06
N PHE B 220 -9.07 18.29 11.88
CA PHE B 220 -10.02 17.70 10.93
C PHE B 220 -9.45 16.65 9.98
N GLY B 221 -9.86 15.39 10.15
CA GLY B 221 -9.34 14.34 9.30
C GLY B 221 -10.29 13.59 8.38
N ILE B 222 -10.73 12.42 8.83
CA ILE B 222 -11.62 11.57 8.03
C ILE B 222 -12.82 12.29 7.41
N ALA B 223 -13.47 13.18 8.16
CA ALA B 223 -14.64 13.88 7.64
C ALA B 223 -14.31 14.86 6.51
N MET B 224 -13.08 15.32 6.45
CA MET B 224 -12.67 16.24 5.38
C MET B 224 -12.73 15.50 4.04
N TYR B 225 -12.49 14.19 4.09
CA TYR B 225 -12.51 13.34 2.90
C TYR B 225 -13.91 12.85 2.56
N GLY B 226 -14.90 13.29 3.34
CA GLY B 226 -16.27 12.89 3.07
C GLY B 226 -16.68 11.55 3.66
N LEU B 227 -15.92 11.04 4.61
CA LEU B 227 -16.25 9.76 5.21
C LEU B 227 -16.63 9.93 6.68
N ALA B 228 -17.71 9.28 7.10
CA ALA B 228 -18.16 9.40 8.49
C ALA B 228 -17.22 8.67 9.43
N PRO B 229 -16.88 9.29 10.57
CA PRO B 229 -15.98 8.65 11.54
C PRO B 229 -16.46 7.25 11.93
N SER B 230 -17.78 7.06 11.87
CA SER B 230 -18.39 5.77 12.18
C SER B 230 -19.84 5.76 11.72
N PRO B 231 -20.37 4.57 11.39
CA PRO B 231 -21.77 4.46 10.94
C PRO B 231 -22.72 4.85 12.06
N GLY B 232 -22.29 4.63 13.29
CA GLY B 232 -23.10 4.98 14.44
C GLY B 232 -23.43 6.46 14.53
N ILE B 233 -22.46 7.33 14.27
CA ILE B 233 -22.71 8.76 14.37
C ILE B 233 -23.16 9.41 13.07
N LYS B 234 -23.33 8.60 12.03
CA LYS B 234 -23.75 9.12 10.73
C LYS B 234 -25.02 9.97 10.85
N PRO B 235 -26.04 9.46 11.56
CA PRO B 235 -27.28 10.22 11.72
C PRO B 235 -27.20 11.36 12.73
N LEU B 236 -25.98 11.73 13.14
CA LEU B 236 -25.82 12.82 14.09
C LEU B 236 -24.93 13.93 13.56
N LEU B 237 -24.45 13.76 12.33
CA LEU B 237 -23.57 14.75 11.70
C LEU B 237 -24.35 16.01 11.30
N PRO B 238 -23.82 17.21 11.61
CA PRO B 238 -24.48 18.47 11.29
C PRO B 238 -24.81 18.74 9.81
N TYR B 239 -23.93 18.32 8.90
CA TYR B 239 -24.17 18.53 7.48
C TYR B 239 -23.76 17.31 6.71
N PRO B 240 -24.27 17.14 5.49
CA PRO B 240 -23.92 15.98 4.66
C PRO B 240 -22.49 16.02 4.16
N LEU B 241 -21.79 14.90 4.30
CA LEU B 241 -20.41 14.79 3.85
C LEU B 241 -20.40 14.40 2.39
N LYS B 242 -19.41 14.88 1.65
CA LYS B 242 -19.30 14.54 0.23
C LYS B 242 -18.10 13.65 0.01
N GLU B 243 -18.34 12.39 -0.37
CA GLU B 243 -17.27 11.44 -0.62
C GLU B 243 -16.42 11.91 -1.78
N ALA B 244 -15.11 11.98 -1.57
CA ALA B 244 -14.20 12.47 -2.59
C ALA B 244 -13.43 11.43 -3.41
N PHE B 245 -13.36 10.20 -2.91
CA PHE B 245 -12.59 9.14 -3.57
C PHE B 245 -13.41 8.14 -4.38
N SER B 246 -12.96 7.88 -5.61
CA SER B 246 -13.60 6.89 -6.46
C SER B 246 -12.47 6.12 -7.14
N LEU B 247 -12.74 4.87 -7.52
CA LEU B 247 -11.71 4.03 -8.13
C LEU B 247 -12.26 3.31 -9.36
N HIS B 248 -11.54 3.36 -10.47
CA HIS B 248 -11.99 2.76 -11.71
C HIS B 248 -10.94 1.99 -12.51
N SER B 249 -11.43 1.17 -13.44
CA SER B 249 -10.57 0.40 -14.31
C SER B 249 -11.35 0.17 -15.61
N ARG B 250 -10.81 -0.66 -16.50
CA ARG B 250 -11.47 -0.94 -17.77
C ARG B 250 -11.22 -2.39 -18.15
N LEU B 251 -12.16 -2.98 -18.88
CA LEU B 251 -11.99 -4.36 -19.31
C LEU B 251 -10.85 -4.40 -20.32
N VAL B 252 -9.94 -5.36 -20.17
CA VAL B 252 -8.84 -5.49 -21.11
C VAL B 252 -9.01 -6.79 -21.89
N HIS B 253 -9.93 -7.63 -21.43
CA HIS B 253 -10.23 -8.88 -22.10
C HIS B 253 -11.65 -9.31 -21.76
N VAL B 254 -12.31 -9.92 -22.73
CA VAL B 254 -13.68 -10.41 -22.57
C VAL B 254 -13.76 -11.71 -23.33
N LYS B 255 -14.35 -12.73 -22.72
CA LYS B 255 -14.46 -14.01 -23.40
C LYS B 255 -15.66 -14.75 -22.85
N LYS B 256 -16.08 -15.79 -23.57
CA LYS B 256 -17.21 -16.60 -23.15
C LYS B 256 -16.69 -17.95 -22.69
N LEU B 257 -17.04 -18.31 -21.46
CA LEU B 257 -16.63 -19.58 -20.89
C LEU B 257 -17.73 -20.63 -21.07
N GLN B 258 -17.33 -21.87 -21.31
CA GLN B 258 -18.28 -22.95 -21.46
C GLN B 258 -18.47 -23.54 -20.07
N PRO B 259 -19.59 -24.23 -19.84
CA PRO B 259 -19.81 -24.82 -18.52
C PRO B 259 -18.67 -25.78 -18.16
N GLY B 260 -18.18 -25.70 -16.93
CA GLY B 260 -17.10 -26.58 -16.53
C GLY B 260 -15.72 -25.94 -16.54
N GLU B 261 -15.54 -24.86 -17.31
CA GLU B 261 -14.24 -24.16 -17.38
C GLU B 261 -13.96 -23.43 -16.09
N LYS B 262 -12.72 -23.54 -15.63
CA LYS B 262 -12.31 -22.94 -14.38
C LYS B 262 -11.68 -21.57 -14.54
N VAL B 263 -11.64 -20.81 -13.45
CA VAL B 263 -11.06 -19.47 -13.46
C VAL B 263 -10.16 -19.15 -12.27
N SER B 264 -8.98 -18.60 -12.58
CA SER B 264 -8.01 -18.18 -11.60
C SER B 264 -7.33 -19.24 -10.74
N TYR B 265 -6.45 -18.78 -9.86
CA TYR B 265 -5.68 -19.63 -8.97
C TYR B 265 -6.48 -20.65 -8.17
N GLY B 266 -5.95 -21.86 -8.10
CA GLY B 266 -6.63 -22.91 -7.35
C GLY B 266 -7.82 -23.41 -8.12
N ALA B 267 -8.12 -22.76 -9.22
CA ALA B 267 -9.26 -23.15 -10.04
C ALA B 267 -10.46 -23.27 -9.12
N THR B 268 -10.61 -22.29 -8.24
CA THR B 268 -11.71 -22.29 -7.29
C THR B 268 -13.05 -21.85 -7.86
N TYR B 269 -13.05 -21.39 -9.11
CA TYR B 269 -14.31 -20.99 -9.73
C TYR B 269 -14.56 -21.82 -10.98
N THR B 270 -15.81 -22.27 -11.13
CA THR B 270 -16.22 -23.07 -12.27
C THR B 270 -17.45 -22.44 -12.92
N ALA B 271 -17.40 -22.24 -14.22
CA ALA B 271 -18.55 -21.65 -14.92
C ALA B 271 -19.70 -22.66 -14.83
N GLN B 272 -20.87 -22.19 -14.40
CA GLN B 272 -22.01 -23.08 -14.29
C GLN B 272 -22.67 -23.27 -15.65
N THR B 273 -22.62 -22.22 -16.46
CA THR B 273 -23.18 -22.25 -17.81
C THR B 273 -22.30 -21.40 -18.71
N GLU B 274 -22.78 -21.15 -19.92
CA GLU B 274 -22.03 -20.32 -20.84
C GLU B 274 -22.07 -18.91 -20.26
N GLU B 275 -20.91 -18.36 -19.88
CA GLU B 275 -20.90 -17.02 -19.31
C GLU B 275 -19.76 -16.15 -19.83
N TRP B 276 -20.01 -14.84 -19.83
CA TRP B 276 -19.02 -13.89 -20.29
C TRP B 276 -18.18 -13.42 -19.11
N ILE B 277 -16.87 -13.61 -19.24
CA ILE B 277 -15.92 -13.22 -18.20
C ILE B 277 -15.04 -12.08 -18.71
N GLY B 278 -14.93 -11.04 -17.89
CA GLY B 278 -14.11 -9.91 -18.26
C GLY B 278 -12.92 -9.81 -17.31
N THR B 279 -11.77 -9.42 -17.85
CA THR B 279 -10.57 -9.27 -17.03
C THR B 279 -10.21 -7.79 -16.86
N ILE B 280 -9.97 -7.37 -15.62
CA ILE B 280 -9.62 -5.99 -15.34
C ILE B 280 -8.24 -5.91 -14.72
N PRO B 281 -7.45 -4.89 -15.11
CA PRO B 281 -6.09 -4.66 -14.63
C PRO B 281 -5.89 -4.06 -13.24
N ILE B 282 -6.43 -4.72 -12.22
CA ILE B 282 -6.23 -4.29 -10.85
C ILE B 282 -6.16 -5.53 -9.98
N GLY B 283 -5.24 -5.53 -9.01
CA GLY B 283 -5.07 -6.68 -8.14
C GLY B 283 -4.70 -6.26 -6.73
N TYR B 284 -4.25 -7.20 -5.90
CA TYR B 284 -3.91 -6.86 -4.53
C TYR B 284 -2.67 -5.98 -4.33
N ALA B 285 -1.81 -5.90 -5.34
CA ALA B 285 -0.63 -5.05 -5.24
C ALA B 285 -1.09 -3.59 -5.45
N ASP B 286 -2.35 -3.43 -5.81
CA ASP B 286 -2.93 -2.10 -6.02
C ASP B 286 -3.80 -1.74 -4.82
N GLY B 287 -3.90 -2.68 -3.87
CA GLY B 287 -4.69 -2.43 -2.69
C GLY B 287 -6.05 -3.12 -2.73
N TRP B 288 -6.34 -3.80 -3.83
CA TRP B 288 -7.59 -4.52 -3.97
C TRP B 288 -7.29 -5.92 -3.44
N LEU B 289 -7.24 -6.02 -2.11
CA LEU B 289 -6.92 -7.26 -1.40
C LEU B 289 -7.72 -8.50 -1.79
N ARG B 290 -7.06 -9.64 -1.66
CA ARG B 290 -7.65 -10.94 -1.98
C ARG B 290 -8.97 -11.20 -1.27
N ARG B 291 -9.14 -10.59 -0.10
CA ARG B 291 -10.37 -10.77 0.67
C ARG B 291 -11.60 -10.17 -0.01
N LEU B 292 -11.40 -9.48 -1.13
CA LEU B 292 -12.52 -8.86 -1.83
C LEU B 292 -13.06 -9.81 -2.89
N GLN B 293 -12.58 -11.04 -2.83
CA GLN B 293 -12.94 -12.08 -3.76
C GLN B 293 -14.43 -12.33 -4.02
N HIS B 294 -15.29 -12.06 -3.05
CA HIS B 294 -16.71 -12.32 -3.32
C HIS B 294 -17.50 -11.03 -3.43
N PHE B 295 -16.79 -9.93 -3.64
CA PHE B 295 -17.40 -8.63 -3.77
C PHE B 295 -17.85 -8.45 -5.20
N HIS B 296 -18.51 -7.33 -5.48
CA HIS B 296 -18.99 -7.05 -6.82
C HIS B 296 -18.53 -5.67 -7.24
N VAL B 297 -18.38 -5.47 -8.56
CA VAL B 297 -17.99 -4.17 -9.08
C VAL B 297 -19.15 -3.68 -9.93
N LEU B 298 -19.03 -2.46 -10.43
CA LEU B 298 -20.06 -1.90 -11.28
C LEU B 298 -19.56 -1.88 -12.70
N VAL B 299 -20.37 -2.39 -13.62
CA VAL B 299 -20.02 -2.40 -15.03
C VAL B 299 -21.30 -2.15 -15.81
N ASP B 300 -21.26 -1.20 -16.72
CA ASP B 300 -22.42 -0.84 -17.51
C ASP B 300 -23.65 -0.57 -16.67
N GLY B 301 -23.44 -0.03 -15.47
CA GLY B 301 -24.57 0.30 -14.63
C GLY B 301 -25.13 -0.81 -13.79
N GLN B 302 -24.50 -1.98 -13.83
CA GLN B 302 -24.98 -3.10 -13.04
C GLN B 302 -23.85 -3.73 -12.24
N LYS B 303 -24.24 -4.41 -11.16
CA LYS B 303 -23.28 -5.09 -10.30
C LYS B 303 -22.82 -6.39 -10.94
N ALA B 304 -21.51 -6.56 -11.03
CA ALA B 304 -20.91 -7.75 -11.60
C ALA B 304 -20.02 -8.35 -10.52
N PRO B 305 -20.20 -9.66 -10.22
CA PRO B 305 -19.41 -10.31 -9.19
C PRO B 305 -18.01 -10.67 -9.63
N ILE B 306 -17.08 -10.51 -8.70
CA ILE B 306 -15.70 -10.88 -8.94
C ILE B 306 -15.71 -12.39 -8.83
N VAL B 307 -15.19 -13.10 -9.81
CA VAL B 307 -15.17 -14.56 -9.75
C VAL B 307 -13.74 -15.07 -9.68
N GLY B 308 -13.54 -16.12 -8.88
CA GLY B 308 -12.20 -16.68 -8.74
C GLY B 308 -11.38 -15.81 -7.82
N ARG B 309 -10.15 -16.22 -7.55
CA ARG B 309 -9.29 -15.45 -6.66
C ARG B 309 -8.71 -14.23 -7.32
N ILE B 310 -8.50 -13.18 -6.53
CA ILE B 310 -7.92 -11.95 -7.05
C ILE B 310 -6.40 -12.17 -7.20
N CYS B 311 -5.84 -11.73 -8.30
CA CYS B 311 -4.41 -11.88 -8.54
C CYS B 311 -3.69 -10.61 -8.13
N MET B 312 -2.37 -10.61 -8.26
CA MET B 312 -1.58 -9.44 -7.86
C MET B 312 -1.91 -8.20 -8.67
N ASP B 313 -2.12 -8.37 -9.97
CA ASP B 313 -2.38 -7.23 -10.85
C ASP B 313 -3.69 -7.29 -11.61
N GLN B 314 -4.38 -8.42 -11.53
CA GLN B 314 -5.63 -8.55 -12.27
C GLN B 314 -6.65 -9.39 -11.55
N CYS B 315 -7.89 -9.28 -11.99
CA CYS B 315 -8.96 -10.08 -11.44
C CYS B 315 -10.08 -10.17 -12.47
N MET B 316 -10.90 -11.20 -12.38
CA MET B 316 -11.98 -11.41 -13.33
C MET B 316 -13.35 -11.19 -12.69
N ILE B 317 -14.32 -10.82 -13.52
CA ILE B 317 -15.67 -10.58 -13.04
C ILE B 317 -16.63 -11.24 -14.04
N ARG B 318 -17.82 -11.63 -13.59
CA ARG B 318 -18.78 -12.20 -14.50
C ARG B 318 -19.63 -11.07 -15.07
N LEU B 319 -19.64 -10.92 -16.39
CA LEU B 319 -20.38 -9.85 -17.07
C LEU B 319 -21.82 -10.20 -17.45
N PRO B 320 -22.68 -9.17 -17.62
CA PRO B 320 -24.08 -9.37 -17.99
C PRO B 320 -24.19 -10.01 -19.38
N GLY B 321 -23.27 -9.66 -20.26
CA GLY B 321 -23.26 -10.20 -21.60
C GLY B 321 -21.95 -9.82 -22.24
N PRO B 322 -21.83 -9.85 -23.57
CA PRO B 322 -20.55 -9.48 -24.20
C PRO B 322 -20.41 -7.96 -24.28
N LEU B 323 -19.55 -7.41 -23.45
CA LEU B 323 -19.32 -5.98 -23.44
C LEU B 323 -18.01 -5.76 -24.17
N PRO B 324 -17.83 -4.58 -24.80
CA PRO B 324 -16.58 -4.31 -25.52
C PRO B 324 -15.39 -4.06 -24.61
N VAL B 325 -14.22 -4.51 -25.07
CA VAL B 325 -13.01 -4.29 -24.33
C VAL B 325 -12.90 -2.77 -24.22
N GLY B 326 -12.46 -2.28 -23.06
CA GLY B 326 -12.33 -0.86 -22.87
C GLY B 326 -13.51 -0.32 -22.09
N THR B 327 -14.49 -1.17 -21.86
CA THR B 327 -15.67 -0.78 -21.11
C THR B 327 -15.21 -0.41 -19.70
N LYS B 328 -15.75 0.70 -19.19
CA LYS B 328 -15.38 1.19 -17.88
C LYS B 328 -15.97 0.41 -16.72
N VAL B 329 -15.13 0.08 -15.74
CA VAL B 329 -15.54 -0.63 -14.56
C VAL B 329 -15.27 0.25 -13.35
N THR B 330 -16.29 0.47 -12.52
CA THR B 330 -16.13 1.27 -11.31
C THR B 330 -16.10 0.32 -10.12
N LEU B 331 -15.06 0.45 -9.30
CA LEU B 331 -14.87 -0.39 -8.13
C LEU B 331 -15.33 0.33 -6.88
N ILE B 332 -15.18 1.65 -6.88
CA ILE B 332 -15.62 2.51 -5.80
C ILE B 332 -16.12 3.76 -6.50
N GLY B 333 -17.39 4.09 -6.32
CA GLY B 333 -17.93 5.24 -7.00
C GLY B 333 -19.30 4.87 -7.48
N ARG B 334 -19.83 5.58 -8.46
CA ARG B 334 -21.16 5.26 -8.92
C ARG B 334 -21.30 5.19 -10.44
N GLN B 335 -22.24 4.37 -10.87
CA GLN B 335 -22.52 4.19 -12.29
C GLN B 335 -24.02 4.14 -12.38
N GLY B 336 -24.61 5.11 -13.09
CA GLY B 336 -26.04 5.17 -13.25
C GLY B 336 -26.73 5.29 -11.90
N ASP B 337 -27.50 4.27 -11.55
CA ASP B 337 -28.20 4.29 -10.28
C ASP B 337 -27.44 3.53 -9.21
N GLU B 338 -26.48 2.73 -9.66
CA GLU B 338 -25.69 1.94 -8.72
C GLU B 338 -24.53 2.72 -8.13
N VAL B 339 -24.17 2.36 -6.91
CA VAL B 339 -23.05 3.01 -6.25
C VAL B 339 -22.41 2.09 -5.23
N ILE B 340 -21.09 2.25 -5.09
CA ILE B 340 -20.29 1.50 -4.14
C ILE B 340 -19.46 2.53 -3.40
N SER B 341 -19.67 2.61 -2.10
CA SER B 341 -18.95 3.56 -1.28
C SER B 341 -17.79 2.87 -0.59
N ILE B 342 -16.93 3.67 0.02
CA ILE B 342 -15.79 3.13 0.72
C ILE B 342 -16.32 2.32 1.88
N ASP B 343 -17.44 2.74 2.45
CA ASP B 343 -18.05 2.03 3.57
C ASP B 343 -18.49 0.62 3.15
N ASP B 344 -18.85 0.44 1.88
CA ASP B 344 -19.26 -0.86 1.40
C ASP B 344 -18.05 -1.78 1.29
N VAL B 345 -16.93 -1.23 0.81
CA VAL B 345 -15.72 -2.02 0.67
C VAL B 345 -15.20 -2.38 2.06
N ALA B 346 -15.27 -1.42 2.97
CA ALA B 346 -14.79 -1.63 4.32
C ALA B 346 -15.58 -2.73 5.01
N ARG B 347 -16.89 -2.75 4.80
CA ARG B 347 -17.74 -3.75 5.42
C ARG B 347 -17.37 -5.17 4.98
N HIS B 348 -17.16 -5.35 3.69
CA HIS B 348 -16.79 -6.64 3.14
C HIS B 348 -15.39 -7.06 3.60
N LEU B 349 -14.48 -6.08 3.73
CA LEU B 349 -13.11 -6.36 4.16
C LEU B 349 -13.04 -6.51 5.67
N GLU B 350 -14.15 -6.23 6.33
CA GLU B 350 -14.23 -6.30 7.79
C GLU B 350 -13.26 -5.34 8.47
N THR B 351 -13.22 -4.11 7.99
CA THR B 351 -12.35 -3.08 8.56
C THR B 351 -13.13 -1.76 8.60
N ILE B 352 -12.45 -0.65 8.83
CA ILE B 352 -13.12 0.65 8.88
C ILE B 352 -12.75 1.42 7.62
N ASN B 353 -13.59 2.37 7.23
CA ASN B 353 -13.35 3.15 6.01
C ASN B 353 -11.95 3.77 5.92
N TYR B 354 -11.43 4.23 7.05
CA TYR B 354 -10.11 4.85 7.11
C TYR B 354 -9.08 4.05 6.35
N GLU B 355 -9.08 2.75 6.59
CA GLU B 355 -8.08 1.85 6.02
C GLU B 355 -8.11 1.60 4.52
N VAL B 356 -9.26 1.77 3.90
CA VAL B 356 -9.40 1.50 2.48
C VAL B 356 -8.62 2.40 1.53
N PRO B 357 -8.80 3.74 1.61
CA PRO B 357 -8.04 4.58 0.67
C PRO B 357 -6.53 4.60 0.94
N CYS B 358 -6.14 4.35 2.19
CA CYS B 358 -4.73 4.31 2.55
C CYS B 358 -4.08 3.12 1.88
N THR B 359 -4.86 2.06 1.68
CA THR B 359 -4.34 0.82 1.10
C THR B 359 -4.30 0.81 -0.42
N ILE B 360 -5.05 1.68 -1.09
CA ILE B 360 -4.98 1.73 -2.55
C ILE B 360 -3.56 2.27 -2.73
N SER B 361 -2.70 1.44 -3.32
CA SER B 361 -1.28 1.74 -3.46
C SER B 361 -0.75 2.81 -4.40
N TYR B 362 0.56 3.01 -4.25
CA TYR B 362 1.34 3.96 -5.04
C TYR B 362 1.24 3.60 -6.52
N ARG B 363 0.86 2.37 -6.83
CA ARG B 363 0.74 1.92 -8.23
C ARG B 363 -0.46 2.53 -8.94
N VAL B 364 -1.43 3.02 -8.17
CA VAL B 364 -2.65 3.60 -8.75
C VAL B 364 -2.60 5.12 -8.88
N PRO B 365 -2.53 5.64 -10.12
CA PRO B 365 -2.48 7.09 -10.31
C PRO B 365 -3.70 7.80 -9.77
N ARG B 366 -3.53 9.03 -9.29
CA ARG B 366 -4.65 9.81 -8.79
C ARG B 366 -4.90 10.97 -9.75
N ILE B 367 -6.14 11.09 -10.20
CA ILE B 367 -6.57 12.15 -11.11
C ILE B 367 -7.39 13.11 -10.25
N PHE B 368 -7.05 14.39 -10.30
CA PHE B 368 -7.75 15.38 -9.48
C PHE B 368 -8.75 16.24 -10.24
N PHE B 369 -9.90 16.47 -9.63
CA PHE B 369 -10.95 17.29 -10.21
C PHE B 369 -11.17 18.48 -9.33
N ARG B 370 -11.38 19.63 -9.94
CA ARG B 370 -11.64 20.85 -9.22
C ARG B 370 -12.43 21.76 -10.16
N HIS B 371 -13.47 22.40 -9.63
CA HIS B 371 -14.32 23.27 -10.44
C HIS B 371 -14.93 22.47 -11.58
N LYS B 372 -15.17 21.18 -11.33
CA LYS B 372 -15.76 20.27 -12.30
C LYS B 372 -14.87 19.97 -13.48
N ARG B 373 -13.57 20.17 -13.32
CA ARG B 373 -12.65 19.91 -14.40
C ARG B 373 -11.42 19.16 -13.93
N ILE B 374 -10.78 18.42 -14.84
CA ILE B 374 -9.58 17.68 -14.49
C ILE B 374 -8.49 18.72 -14.23
N MET B 375 -7.98 18.71 -13.00
CA MET B 375 -6.95 19.64 -12.56
C MET B 375 -5.57 19.10 -12.86
N GLU B 376 -5.25 17.94 -12.33
CA GLU B 376 -3.95 17.31 -12.57
C GLU B 376 -3.99 15.80 -12.37
N VAL B 377 -2.91 15.14 -12.78
CA VAL B 377 -2.77 13.69 -12.68
C VAL B 377 -1.53 13.45 -11.83
N ARG B 378 -1.61 12.47 -10.92
CA ARG B 378 -0.48 12.14 -10.06
C ARG B 378 -0.17 10.66 -10.12
N ASN B 379 0.85 10.31 -10.87
CA ASN B 379 1.28 8.91 -11.02
C ASN B 379 2.59 8.72 -10.29
N ALA B 380 2.54 8.06 -9.14
CA ALA B 380 3.72 7.81 -8.33
C ALA B 380 4.87 7.16 -9.11
N ILE B 381 4.58 6.07 -9.83
CA ILE B 381 5.63 5.41 -10.60
C ILE B 381 5.79 5.98 -12.00
N GLY B 382 5.45 7.25 -12.16
CA GLY B 382 5.56 7.91 -13.45
C GLY B 382 7.01 8.30 -13.73
N ARG B 383 7.23 9.04 -14.82
CA ARG B 383 8.58 9.47 -15.19
C ARG B 383 9.07 10.64 -14.33
N PDD C . 1.87 -13.08 -10.83
N1 PDD C . 4.17 -15.27 -15.02
C2 PDD C . 2.98 -14.65 -14.88
C2A PDD C . 2.20 -14.40 -16.14
C3 PDD C . 2.46 -14.27 -13.62
O3A PDD C . 1.26 -13.61 -13.56
C4 PDD C . 3.20 -14.60 -12.43
C4A PDD C . 2.48 -14.38 -11.09
C5 PDD C . 4.51 -15.22 -12.58
C5A PDD C . 5.42 -15.55 -11.40
OP4 PDD C . 4.72 -16.41 -10.51
P PDD C . 5.32 -16.77 -9.14
OP1 PDD C . 6.63 -17.44 -9.37
OP2 PDD C . 4.36 -17.68 -8.44
OP3 PDD C . 5.51 -15.55 -8.32
C6 PDD C . 4.94 -15.52 -13.88
CA PDD C . 1.13 -12.80 -9.57
CB PDD C . 1.68 -13.53 -8.33
C PDD C . -0.39 -13.12 -9.70
O PDD C . -1.07 -12.97 -8.55
OXT PDD C . -0.94 -13.44 -10.69
N PDD D . -5.22 9.44 13.12
N1 PDD D . -5.25 13.95 15.78
C2 PDD D . -4.53 12.81 15.98
C2A PDD D . -3.45 12.88 17.02
C3 PDD D . -4.76 11.63 15.23
O3A PDD D . -3.91 10.56 15.37
C4 PDD D . -5.87 11.59 14.33
C4A PDD D . -6.26 10.21 13.79
C5 PDD D . -6.60 12.80 14.07
C5A PDD D . -7.73 12.91 13.05
OP4 PDD D . -8.75 11.98 13.40
P PDD D . -9.93 11.75 12.44
OP1 PDD D . -10.67 13.04 12.24
OP2 PDD D . -10.81 10.71 13.06
OP3 PDD D . -9.46 11.24 11.12
C6 PDD D . -6.25 13.94 14.84
CA PDD D . -5.47 8.07 12.58
CB PDD D . -6.88 7.90 11.99
C PDD D . -5.21 6.95 13.66
O PDD D . -5.49 5.70 13.21
OXT PDD D . -4.79 7.13 14.76
#